data_6DG2
#
_entry.id   6DG2
#
_cell.length_a   70.226
_cell.length_b   72.038
_cell.length_c   107.149
_cell.angle_alpha   90.00
_cell.angle_beta   104.20
_cell.angle_gamma   90.00
#
_symmetry.space_group_name_H-M   'P 1 21 1'
#
loop_
_entity.id
_entity.type
_entity.pdbx_description
1 polymer '6D6 Fab heavy chain'
2 polymer '6D6 Fab light chain'
3 water water
#
loop_
_entity_poly.entity_id
_entity_poly.type
_entity_poly.pdbx_seq_one_letter_code
_entity_poly.pdbx_strand_id
1 'polypeptide(L)'
;QVQLQQPGTELVKPGASVKLSCKASGYTFTSYWMHWVKQRPGQGLEWIGEINPRNGRTDFSEKFKSKATLTVDTSSSTAF
IQLSSLTSEDSAVYYCARWGYYGSSDYWGQGTALTVSSASTKGPSVFPLAPSSKSTSGGTAALGCLVKDYFPEPVTVSWN
SGALTSGVHTFPAVLQSSGLYSLSSVVTVPSSSLGTQTYICNVNHKPSNTKVDKKVEPKSCDLEVDDDDK
;
A,C
2 'polypeptide(L)'
;DIVVTQSHKFMSTSVGDRVSITCKASQDVSVAVAWYQQKTGQSPKLLIYSASYRITGVPDRFTGSGSGTDFTFTISSVQA
EDMAVYYCQQHYSTPPWTFGGGTKLEIKRTVAAPSVFIFPPSDEQLKSGTASVVCLLNNFYPREAKVQWKVDNALQSGNS
QESVTEQDSKDSTYSLSSTLTLSKADYEKHKVYACEVTHQGLRSPVTKSFNRGEC
;
B,D
#
# COMPACT_ATOMS: atom_id res chain seq x y z
N GLN A 1 12.04 -25.32 16.15
CA GLN A 1 11.08 -26.14 15.43
C GLN A 1 10.51 -25.37 14.24
N VAL A 2 10.46 -24.04 14.32
CA VAL A 2 10.05 -23.24 13.17
C VAL A 2 11.09 -23.37 12.06
N GLN A 3 10.66 -23.77 10.87
CA GLN A 3 11.56 -23.86 9.73
C GLN A 3 10.88 -23.37 8.47
N LEU A 4 11.64 -22.67 7.64
CA LEU A 4 11.23 -22.27 6.30
C LEU A 4 12.14 -22.95 5.30
N GLN A 5 11.56 -23.79 4.45
CA GLN A 5 12.34 -24.61 3.53
C GLN A 5 12.23 -24.05 2.11
N GLN A 6 13.37 -23.68 1.51
CA GLN A 6 13.41 -23.19 0.13
C GLN A 6 14.39 -24.00 -0.71
N PRO A 7 14.07 -24.23 -1.99
CA PRO A 7 15.04 -24.88 -2.89
C PRO A 7 16.35 -24.11 -3.01
N GLY A 8 17.42 -24.86 -3.28
CA GLY A 8 18.75 -24.26 -3.28
C GLY A 8 18.97 -23.26 -4.42
N THR A 9 18.67 -23.67 -5.65
CA THR A 9 19.02 -22.87 -6.81
C THR A 9 17.91 -22.96 -7.85
N GLU A 10 17.92 -22.00 -8.76
CA GLU A 10 17.02 -22.02 -9.91
C GLU A 10 17.72 -21.29 -11.06
N LEU A 11 17.68 -21.89 -12.25
CA LEU A 11 18.31 -21.32 -13.42
C LEU A 11 17.25 -21.13 -14.49
N VAL A 12 17.11 -19.90 -15.01
CA VAL A 12 16.12 -19.60 -16.04
C VAL A 12 16.68 -18.63 -17.07
N LYS A 13 15.99 -18.57 -18.28
CA LYS A 13 16.45 -17.73 -19.37
C LYS A 13 15.90 -16.31 -19.27
N PRO A 14 16.58 -15.31 -19.84
CA PRO A 14 15.99 -13.96 -19.87
C PRO A 14 14.64 -13.99 -20.56
N GLY A 15 13.72 -13.17 -20.07
CA GLY A 15 12.35 -13.17 -20.55
C GLY A 15 11.44 -14.22 -19.95
N ALA A 16 12.00 -15.21 -19.25
CA ALA A 16 11.13 -16.18 -18.61
C ALA A 16 10.54 -15.62 -17.32
N SER A 17 9.61 -16.38 -16.76
CA SER A 17 9.04 -16.17 -15.45
C SER A 17 9.46 -17.33 -14.57
N VAL A 18 9.52 -17.12 -13.26
CA VAL A 18 9.85 -18.21 -12.34
C VAL A 18 8.97 -18.08 -11.11
N LYS A 19 8.67 -19.23 -10.49
CA LYS A 19 7.89 -19.28 -9.25
C LYS A 19 8.73 -19.92 -8.14
N LEU A 20 9.04 -19.14 -7.12
CA LEU A 20 9.88 -19.60 -6.01
C LEU A 20 8.99 -19.96 -4.82
N SER A 21 9.33 -21.05 -4.13
CA SER A 21 8.51 -21.57 -3.05
C SER A 21 9.20 -21.48 -1.68
N CYS A 22 8.39 -21.51 -0.64
CA CYS A 22 8.89 -21.46 0.71
C CYS A 22 7.91 -22.25 1.57
N LYS A 23 8.31 -23.45 1.98
CA LYS A 23 7.42 -24.33 2.72
C LYS A 23 7.70 -24.15 4.20
N ALA A 24 6.66 -23.78 4.96
CA ALA A 24 6.77 -23.49 6.38
C ALA A 24 6.30 -24.65 7.23
N SER A 25 6.88 -24.77 8.43
CA SER A 25 6.49 -25.85 9.34
C SER A 25 6.88 -25.47 10.76
N GLY A 26 6.20 -26.10 11.72
CA GLY A 26 6.43 -25.84 13.13
C GLY A 26 5.64 -24.70 13.72
N TYR A 27 4.67 -24.13 12.98
CA TYR A 27 3.84 -23.07 13.52
C TYR A 27 2.57 -22.97 12.68
N THR A 28 1.60 -22.25 13.22
CA THR A 28 0.34 -22.02 12.52
C THR A 28 0.59 -21.04 11.38
N PHE A 29 0.71 -21.59 10.17
CA PHE A 29 1.07 -20.83 8.98
C PHE A 29 0.24 -19.56 8.80
N THR A 30 -1.07 -19.65 9.03
CA THR A 30 -1.91 -18.49 8.79
C THR A 30 -1.81 -17.42 9.86
N SER A 31 -0.98 -17.59 10.90
CA SER A 31 -0.98 -16.61 11.98
C SER A 31 0.07 -15.52 11.83
N TYR A 32 0.90 -15.57 10.78
CA TYR A 32 2.01 -14.65 10.62
C TYR A 32 2.17 -14.25 9.15
N TRP A 33 2.46 -12.98 8.91
CA TRP A 33 2.80 -12.54 7.56
C TRP A 33 4.08 -13.22 7.09
N MET A 34 4.17 -13.46 5.79
CA MET A 34 5.38 -14.00 5.18
C MET A 34 6.04 -12.89 4.36
N HIS A 35 7.36 -12.73 4.49
CA HIS A 35 8.08 -11.68 3.78
C HIS A 35 9.05 -12.28 2.78
N TRP A 36 9.35 -11.54 1.72
CA TRP A 36 10.39 -11.92 0.78
C TRP A 36 11.45 -10.84 0.67
N VAL A 37 12.71 -11.25 0.54
CA VAL A 37 13.86 -10.34 0.60
C VAL A 37 14.87 -10.76 -0.45
N LYS A 38 15.39 -9.79 -1.22
CA LYS A 38 16.34 -10.02 -2.31
C LYS A 38 17.72 -9.61 -1.84
N GLN A 39 18.74 -10.35 -2.26
CA GLN A 39 20.09 -9.92 -1.95
C GLN A 39 21.01 -10.27 -3.11
N ARG A 40 21.59 -9.30 -3.68
CA ARG A 40 22.52 -9.53 -4.78
C ARG A 40 23.94 -9.70 -4.23
N PRO A 41 24.80 -10.43 -4.97
CA PRO A 41 26.15 -10.75 -4.46
C PRO A 41 26.90 -9.57 -3.85
N GLY A 42 27.27 -9.72 -2.58
CA GLY A 42 28.05 -8.71 -1.88
C GLY A 42 27.30 -7.47 -1.47
N GLN A 43 26.00 -7.40 -1.76
CA GLN A 43 25.19 -6.23 -1.49
C GLN A 43 24.27 -6.50 -0.30
N GLY A 44 23.47 -5.49 0.03
CA GLY A 44 22.62 -5.55 1.20
C GLY A 44 21.29 -6.20 0.93
N LEU A 45 20.56 -6.42 2.01
CA LEU A 45 19.22 -6.96 1.93
C LEU A 45 18.26 -5.89 1.42
N GLU A 46 17.29 -6.33 0.62
CA GLU A 46 16.34 -5.43 -0.03
C GLU A 46 14.94 -6.00 0.17
N TRP A 47 14.12 -5.35 0.98
CA TRP A 47 12.77 -5.88 1.23
C TRP A 47 11.94 -5.81 -0.06
N ILE A 48 11.28 -6.92 -0.42
CA ILE A 48 10.47 -7.01 -1.65
C ILE A 48 8.98 -6.78 -1.39
N GLY A 49 8.41 -7.57 -0.49
CA GLY A 49 6.98 -7.52 -0.23
C GLY A 49 6.56 -8.52 0.83
N GLU A 50 5.26 -8.55 1.10
CA GLU A 50 4.71 -9.39 2.15
C GLU A 50 3.32 -9.86 1.79
N ILE A 51 2.95 -11.04 2.29
CA ILE A 51 1.60 -11.56 2.12
C ILE A 51 1.09 -12.05 3.47
N ASN A 52 -0.20 -11.83 3.72
CA ASN A 52 -0.85 -12.35 4.90
C ASN A 52 -1.60 -13.62 4.51
N PRO A 53 -1.13 -14.81 4.90
CA PRO A 53 -1.76 -16.04 4.41
C PRO A 53 -3.18 -16.25 4.88
N ARG A 54 -3.60 -15.64 5.99
CA ARG A 54 -5.01 -15.74 6.39
C ARG A 54 -5.88 -14.92 5.44
N ASN A 55 -5.38 -13.76 5.03
CA ASN A 55 -6.10 -12.66 4.44
C ASN A 55 -6.01 -12.61 2.93
N GLY A 56 -4.85 -12.99 2.40
CA GLY A 56 -4.48 -12.60 1.06
C GLY A 56 -3.99 -11.17 0.93
N ARG A 57 -3.98 -10.38 2.02
CA ARG A 57 -3.46 -9.01 1.91
C ARG A 57 -2.00 -9.08 1.45
N THR A 58 -1.58 -8.13 0.62
CA THR A 58 -0.19 -8.04 0.15
C THR A 58 0.26 -6.59 0.10
N ASP A 59 1.58 -6.40 0.16
CA ASP A 59 2.19 -5.08 0.00
C ASP A 59 3.56 -5.29 -0.62
N PHE A 60 4.00 -4.32 -1.40
CA PHE A 60 5.28 -4.44 -2.08
C PHE A 60 6.08 -3.16 -1.95
N SER A 61 7.41 -3.28 -2.04
CA SER A 61 8.18 -2.06 -2.22
C SER A 61 7.91 -1.47 -3.59
N GLU A 62 8.16 -0.17 -3.72
CA GLU A 62 7.92 0.55 -4.97
C GLU A 62 8.50 -0.20 -6.17
N LYS A 63 9.79 -0.55 -6.10
CA LYS A 63 10.47 -1.16 -7.23
C LYS A 63 9.90 -2.52 -7.61
N PHE A 64 9.16 -3.19 -6.72
CA PHE A 64 8.70 -4.52 -7.03
C PHE A 64 7.20 -4.64 -7.27
N LYS A 65 6.42 -3.57 -7.08
CA LYS A 65 4.96 -3.69 -7.24
C LYS A 65 4.59 -4.13 -8.66
N SER A 66 5.50 -4.02 -9.61
CA SER A 66 5.24 -4.36 -11.01
C SER A 66 5.86 -5.68 -11.45
N LYS A 67 6.80 -6.23 -10.68
CA LYS A 67 7.56 -7.40 -11.11
C LYS A 67 7.16 -8.69 -10.42
N ALA A 68 6.57 -8.64 -9.23
CA ALA A 68 6.33 -9.85 -8.47
C ALA A 68 4.86 -10.01 -8.13
N THR A 69 4.50 -11.26 -7.85
CA THR A 69 3.16 -11.64 -7.45
C THR A 69 3.31 -12.64 -6.31
N LEU A 70 2.64 -12.37 -5.20
CA LEU A 70 2.72 -13.24 -4.03
C LEU A 70 1.46 -14.08 -3.90
N THR A 71 1.65 -15.36 -3.59
CA THR A 71 0.51 -16.23 -3.33
C THR A 71 0.88 -17.18 -2.19
N VAL A 72 -0.14 -17.87 -1.67
CA VAL A 72 0.05 -18.93 -0.70
C VAL A 72 -0.82 -20.13 -1.07
N ASP A 73 -0.46 -21.28 -0.50
CA ASP A 73 -1.27 -22.49 -0.52
C ASP A 73 -1.42 -22.92 0.94
N THR A 74 -2.55 -22.58 1.57
CA THR A 74 -2.64 -22.78 3.01
C THR A 74 -2.68 -24.27 3.36
N SER A 75 -3.24 -25.10 2.48
CA SER A 75 -3.29 -26.53 2.76
C SER A 75 -1.89 -27.14 2.89
N SER A 76 -0.91 -26.62 2.15
CA SER A 76 0.46 -27.10 2.21
C SER A 76 1.40 -26.15 2.96
N SER A 77 0.87 -25.10 3.57
CA SER A 77 1.67 -24.11 4.30
C SER A 77 2.89 -23.67 3.48
N THR A 78 2.65 -23.34 2.21
CA THR A 78 3.70 -22.87 1.33
C THR A 78 3.35 -21.47 0.83
N ALA A 79 4.36 -20.61 0.75
CA ALA A 79 4.21 -19.28 0.17
C ALA A 79 5.04 -19.23 -1.11
N PHE A 80 4.58 -18.46 -2.10
CA PHE A 80 5.23 -18.43 -3.40
C PHE A 80 5.45 -16.98 -3.81
N ILE A 81 6.55 -16.74 -4.53
CA ILE A 81 6.75 -15.49 -5.24
C ILE A 81 6.93 -15.82 -6.71
N GLN A 82 6.26 -15.10 -7.56
CA GLN A 82 6.36 -15.27 -8.97
C GLN A 82 6.93 -13.99 -9.57
N LEU A 83 8.05 -14.13 -10.23
CA LEU A 83 8.76 -13.02 -10.86
C LEU A 83 8.71 -13.17 -12.37
N SER A 84 8.31 -12.11 -13.05
CA SER A 84 8.05 -12.14 -14.49
C SER A 84 9.11 -11.35 -15.26
N SER A 85 9.15 -11.62 -16.57
CA SER A 85 10.03 -10.97 -17.56
C SER A 85 11.43 -10.72 -17.01
N LEU A 86 12.08 -11.81 -16.63
CA LEU A 86 13.32 -11.72 -15.89
C LEU A 86 14.45 -11.21 -16.77
N THR A 87 15.33 -10.40 -16.18
CA THR A 87 16.60 -10.01 -16.77
C THR A 87 17.74 -10.43 -15.83
N SER A 88 18.97 -10.17 -16.28
CA SER A 88 20.14 -10.53 -15.50
C SER A 88 20.17 -9.77 -14.17
N GLU A 89 19.54 -8.61 -14.11
CA GLU A 89 19.47 -7.84 -12.90
C GLU A 89 18.76 -8.60 -11.79
N ASP A 90 17.86 -9.48 -12.18
CA ASP A 90 17.10 -10.23 -11.19
C ASP A 90 17.87 -11.42 -10.62
N SER A 91 19.08 -11.68 -11.11
CA SER A 91 19.89 -12.73 -10.49
C SER A 91 20.25 -12.32 -9.07
N ALA A 92 19.97 -13.20 -8.11
CA ALA A 92 20.14 -12.87 -6.70
C ALA A 92 19.72 -14.07 -5.87
N VAL A 93 19.99 -13.97 -4.57
CA VAL A 93 19.43 -14.90 -3.59
C VAL A 93 18.12 -14.29 -3.10
N TYR A 94 17.04 -15.06 -3.11
CA TYR A 94 15.72 -14.62 -2.64
C TYR A 94 15.36 -15.37 -1.36
N TYR A 95 15.26 -14.65 -0.24
CA TYR A 95 14.88 -15.25 1.04
C TYR A 95 13.40 -15.06 1.31
N CYS A 96 12.76 -16.10 1.84
CA CYS A 96 11.49 -15.91 2.54
C CYS A 96 11.78 -15.77 4.04
N ALA A 97 10.92 -15.02 4.74
CA ALA A 97 11.12 -14.83 6.17
C ALA A 97 9.78 -14.59 6.86
N ARG A 98 9.66 -15.12 8.07
CA ARG A 98 8.45 -14.94 8.85
C ARG A 98 8.50 -13.59 9.57
N TRP A 99 7.44 -12.81 9.45
CA TRP A 99 7.28 -11.59 10.23
C TRP A 99 6.72 -11.95 11.60
N GLY A 100 7.42 -11.55 12.67
CA GLY A 100 7.01 -11.95 14.00
C GLY A 100 5.72 -11.29 14.49
N TYR A 101 5.24 -11.79 15.64
CA TYR A 101 4.01 -11.29 16.24
C TYR A 101 4.06 -9.78 16.47
N TYR A 102 5.20 -9.26 16.91
CA TYR A 102 5.44 -7.84 17.07
C TYR A 102 6.24 -7.24 15.91
N GLY A 103 6.29 -7.93 14.77
CA GLY A 103 7.19 -7.53 13.70
C GLY A 103 8.61 -8.03 13.91
N SER A 104 9.48 -7.63 12.97
CA SER A 104 10.84 -8.14 12.79
C SER A 104 10.81 -9.50 12.10
N SER A 105 11.87 -9.83 11.36
CA SER A 105 11.95 -11.05 10.56
C SER A 105 12.63 -12.10 11.43
N ASP A 106 11.82 -12.86 12.16
CA ASP A 106 12.42 -13.63 13.24
C ASP A 106 12.88 -15.01 12.80
N TYR A 107 12.50 -15.46 11.61
CA TYR A 107 12.92 -16.76 11.07
C TYR A 107 13.12 -16.64 9.57
N TRP A 108 14.21 -17.25 9.06
CA TRP A 108 14.59 -17.10 7.65
C TRP A 108 14.74 -18.45 6.98
N GLY A 109 14.39 -18.50 5.68
CA GLY A 109 14.77 -19.64 4.87
C GLY A 109 16.21 -19.54 4.49
N GLN A 110 16.73 -20.62 3.89
CA GLN A 110 18.12 -20.61 3.44
C GLN A 110 18.31 -19.85 2.15
N GLY A 111 17.23 -19.42 1.50
CA GLY A 111 17.32 -18.64 0.29
C GLY A 111 17.45 -19.50 -0.96
N THR A 112 16.93 -18.99 -2.09
CA THR A 112 17.09 -19.63 -3.39
C THR A 112 17.99 -18.74 -4.24
N ALA A 113 19.09 -19.29 -4.73
CA ALA A 113 19.97 -18.54 -5.62
C ALA A 113 19.41 -18.64 -7.04
N LEU A 114 18.88 -17.54 -7.54
CA LEU A 114 18.26 -17.48 -8.85
C LEU A 114 19.28 -16.92 -9.84
N THR A 115 19.56 -17.64 -10.91
CA THR A 115 20.43 -17.15 -11.95
C THR A 115 19.62 -17.00 -13.23
N VAL A 116 19.68 -15.81 -13.83
CA VAL A 116 19.00 -15.51 -15.09
C VAL A 116 20.07 -15.36 -16.15
N SER A 117 20.12 -16.29 -17.10
CA SER A 117 21.18 -16.22 -18.10
C SER A 117 20.80 -17.07 -19.30
N SER A 118 21.31 -16.67 -20.46
CA SER A 118 21.11 -17.43 -21.69
C SER A 118 22.27 -18.38 -22.00
N ALA A 119 23.30 -18.39 -21.16
CA ALA A 119 24.50 -19.20 -21.41
C ALA A 119 24.19 -20.69 -21.31
N SER A 120 24.95 -21.47 -22.06
CA SER A 120 24.76 -22.92 -22.04
C SER A 120 25.56 -23.55 -20.93
N THR A 121 25.02 -24.64 -20.37
CA THR A 121 25.76 -25.42 -19.38
C THR A 121 27.00 -26.03 -20.02
N LYS A 122 28.15 -25.84 -19.37
CA LYS A 122 29.43 -26.14 -20.00
C LYS A 122 30.48 -26.30 -18.90
N GLY A 123 31.28 -27.35 -18.99
CA GLY A 123 32.35 -27.56 -18.03
C GLY A 123 33.57 -26.70 -18.34
N PRO A 124 34.48 -26.58 -17.38
CA PRO A 124 35.60 -25.66 -17.54
C PRO A 124 36.80 -26.28 -18.23
N SER A 125 37.62 -25.41 -18.80
CA SER A 125 39.00 -25.77 -19.11
C SER A 125 39.87 -25.38 -17.92
N VAL A 126 40.94 -26.15 -17.69
CA VAL A 126 41.79 -25.93 -16.53
C VAL A 126 43.22 -25.76 -17.02
N PHE A 127 43.83 -24.61 -16.70
CA PHE A 127 45.19 -24.32 -17.15
C PHE A 127 46.13 -24.11 -15.97
N PRO A 128 47.36 -24.57 -16.07
CA PRO A 128 48.30 -24.41 -14.96
C PRO A 128 48.76 -22.96 -14.85
N LEU A 129 49.04 -22.55 -13.65
CA LEU A 129 49.65 -21.30 -13.33
C LEU A 129 50.94 -21.84 -12.79
N ALA A 130 51.97 -21.90 -13.62
CA ALA A 130 53.25 -22.51 -13.25
C ALA A 130 54.18 -21.75 -12.33
N PRO A 131 54.83 -22.47 -11.36
CA PRO A 131 55.70 -21.69 -10.47
C PRO A 131 56.91 -21.16 -11.16
N SER A 132 57.18 -19.90 -10.88
CA SER A 132 58.29 -19.17 -11.44
C SER A 132 59.60 -19.90 -11.29
N SER A 133 60.35 -19.87 -12.37
CA SER A 133 61.60 -20.57 -12.38
C SER A 133 62.84 -20.09 -11.68
N LYS A 134 63.14 -18.84 -11.89
CA LYS A 134 64.27 -18.18 -11.32
C LYS A 134 63.72 -17.72 -10.00
N GLY A 138 64.64 -20.02 -3.59
CA GLY A 138 63.22 -19.73 -3.69
C GLY A 138 62.42 -20.19 -2.48
N GLY A 139 62.66 -19.50 -1.38
CA GLY A 139 62.04 -19.76 -0.10
C GLY A 139 60.67 -20.35 -0.16
N THR A 140 59.79 -19.63 -0.80
CA THR A 140 58.40 -20.00 -0.92
C THR A 140 57.94 -19.59 -2.29
N ALA A 141 57.30 -20.48 -3.00
CA ALA A 141 56.83 -20.17 -4.32
C ALA A 141 55.34 -20.33 -4.41
N ALA A 142 54.77 -19.88 -5.50
CA ALA A 142 53.36 -19.99 -5.71
C ALA A 142 53.03 -20.64 -7.00
N LEU A 143 51.93 -21.33 -7.03
CA LEU A 143 51.47 -21.98 -8.20
C LEU A 143 49.96 -22.11 -8.12
N GLY A 144 49.35 -22.59 -9.17
CA GLY A 144 47.91 -22.66 -9.11
C GLY A 144 47.32 -23.15 -10.41
N CYS A 145 46.02 -23.02 -10.51
CA CYS A 145 45.39 -23.36 -11.76
C CYS A 145 44.27 -22.39 -12.03
N LEU A 146 44.09 -22.08 -13.31
CA LEU A 146 43.09 -21.15 -13.78
C LEU A 146 41.95 -21.97 -14.37
N VAL A 147 40.75 -21.79 -13.82
CA VAL A 147 39.58 -22.59 -14.15
C VAL A 147 38.65 -21.69 -14.95
N LYS A 148 38.53 -21.94 -16.25
CA LYS A 148 38.01 -20.93 -17.17
C LYS A 148 36.83 -21.44 -17.97
N ASP A 149 35.85 -20.56 -18.17
CA ASP A 149 34.78 -20.77 -19.13
C ASP A 149 33.84 -21.90 -18.74
N TYR A 150 33.22 -21.81 -17.55
CA TYR A 150 32.20 -22.76 -17.14
C TYR A 150 30.90 -22.03 -16.80
N PHE A 151 29.81 -22.80 -16.79
CA PHE A 151 28.48 -22.32 -16.44
C PHE A 151 27.60 -23.52 -16.12
N PRO A 152 26.73 -23.44 -15.09
CA PRO A 152 26.67 -22.35 -14.10
C PRO A 152 27.62 -22.58 -12.93
N GLU A 153 27.56 -21.75 -11.90
CA GLU A 153 28.28 -22.04 -10.66
C GLU A 153 27.65 -23.24 -9.96
N PRO A 154 28.39 -23.94 -9.06
CA PRO A 154 29.80 -23.77 -8.70
C PRO A 154 30.70 -24.84 -9.30
N VAL A 155 32.00 -24.61 -9.18
CA VAL A 155 33.02 -25.64 -9.30
C VAL A 155 33.58 -25.85 -7.91
N THR A 156 34.19 -27.02 -7.70
CA THR A 156 35.00 -27.25 -6.52
C THR A 156 36.42 -27.56 -6.96
N VAL A 157 37.37 -27.09 -6.17
CA VAL A 157 38.80 -27.25 -6.43
C VAL A 157 39.46 -27.78 -5.18
N SER A 158 40.21 -28.87 -5.31
CA SER A 158 41.09 -29.31 -4.24
C SER A 158 42.47 -29.56 -4.84
N TRP A 159 43.43 -29.81 -3.97
CA TRP A 159 44.81 -30.02 -4.40
C TRP A 159 45.31 -31.37 -3.89
N ASN A 160 45.92 -32.13 -4.79
CA ASN A 160 46.46 -33.44 -4.46
C ASN A 160 45.40 -34.31 -3.80
N SER A 161 44.21 -34.32 -4.43
CA SER A 161 43.09 -35.17 -4.01
C SER A 161 42.85 -35.10 -2.49
N GLY A 162 42.95 -33.90 -1.94
CA GLY A 162 42.66 -33.66 -0.54
C GLY A 162 43.85 -33.68 0.39
N ALA A 163 45.06 -33.92 -0.11
CA ALA A 163 46.19 -34.00 0.81
C ALA A 163 46.82 -32.64 1.09
N LEU A 164 46.50 -31.63 0.28
CA LEU A 164 47.13 -30.31 0.38
C LEU A 164 46.01 -29.31 0.64
N THR A 165 45.93 -28.80 1.87
CA THR A 165 44.94 -27.80 2.25
C THR A 165 45.56 -26.54 2.83
N SER A 166 46.71 -26.64 3.47
CA SER A 166 47.38 -25.48 4.02
C SER A 166 47.97 -24.61 2.92
N GLY A 167 47.75 -23.31 3.01
CA GLY A 167 48.29 -22.38 2.05
C GLY A 167 47.47 -22.16 0.79
N VAL A 168 46.31 -22.79 0.65
CA VAL A 168 45.57 -22.67 -0.60
C VAL A 168 44.56 -21.54 -0.48
N HIS A 169 44.44 -20.74 -1.54
CA HIS A 169 43.41 -19.70 -1.63
C HIS A 169 42.64 -19.91 -2.93
N THR A 170 41.33 -20.15 -2.82
CA THR A 170 40.49 -20.31 -4.01
C THR A 170 39.58 -19.10 -4.10
N PHE A 171 39.77 -18.28 -5.15
CA PHE A 171 39.12 -16.98 -5.23
C PHE A 171 37.66 -17.09 -5.69
N PRO A 172 36.80 -16.11 -5.35
CA PRO A 172 35.44 -16.14 -5.87
C PRO A 172 35.47 -16.09 -7.39
N ALA A 173 34.51 -16.78 -8.01
CA ALA A 173 34.40 -16.76 -9.46
C ALA A 173 34.03 -15.36 -9.92
N VAL A 174 34.46 -15.00 -11.12
CA VAL A 174 34.01 -13.75 -11.73
C VAL A 174 33.26 -14.07 -13.01
N LEU A 175 32.29 -13.23 -13.35
CA LEU A 175 31.48 -13.42 -14.54
C LEU A 175 32.13 -12.68 -15.70
N GLN A 176 32.48 -13.41 -16.76
CA GLN A 176 33.08 -12.77 -17.92
C GLN A 176 31.99 -12.25 -18.86
N SER A 177 32.41 -11.39 -19.79
CA SER A 177 31.46 -10.77 -20.72
C SER A 177 30.78 -11.78 -21.63
N SER A 178 31.43 -12.93 -21.87
CA SER A 178 30.80 -14.04 -22.58
C SER A 178 29.61 -14.61 -21.84
N GLY A 179 29.49 -14.36 -20.54
CA GLY A 179 28.48 -14.99 -19.73
C GLY A 179 28.92 -16.29 -19.08
N LEU A 180 30.18 -16.67 -19.23
CA LEU A 180 30.74 -17.81 -18.52
C LEU A 180 31.65 -17.33 -17.39
N TYR A 181 31.84 -18.19 -16.41
CA TYR A 181 32.60 -17.89 -15.20
C TYR A 181 34.03 -18.34 -15.33
N SER A 182 34.88 -17.78 -14.47
CA SER A 182 36.29 -18.13 -14.36
C SER A 182 36.74 -17.93 -12.93
N LEU A 183 37.50 -18.88 -12.38
CA LEU A 183 38.12 -18.63 -11.08
C LEU A 183 39.55 -19.14 -11.09
N SER A 184 40.31 -18.71 -10.09
CA SER A 184 41.67 -19.21 -9.91
C SER A 184 41.81 -19.82 -8.52
N SER A 185 42.60 -20.89 -8.43
CA SER A 185 43.01 -21.44 -7.14
C SER A 185 44.53 -21.43 -7.12
N VAL A 186 45.10 -20.98 -6.01
CA VAL A 186 46.55 -20.88 -5.89
C VAL A 186 46.95 -21.47 -4.55
N VAL A 187 48.22 -21.84 -4.47
CA VAL A 187 48.76 -22.35 -3.22
C VAL A 187 50.23 -21.95 -3.17
N THR A 188 50.72 -21.68 -1.96
CA THR A 188 52.12 -21.38 -1.73
C THR A 188 52.82 -22.58 -1.11
N VAL A 189 54.01 -22.90 -1.61
CA VAL A 189 54.74 -24.11 -1.24
C VAL A 189 56.21 -23.73 -1.04
N PRO A 190 56.93 -24.54 -0.26
CA PRO A 190 58.39 -24.32 -0.16
C PRO A 190 59.04 -24.67 -1.49
N SER A 191 59.75 -23.70 -2.07
CA SER A 191 60.27 -23.89 -3.42
C SER A 191 61.38 -24.94 -3.49
N SER A 192 61.98 -25.28 -2.35
CA SER A 192 62.93 -26.37 -2.31
C SER A 192 62.30 -27.72 -2.66
N SER A 193 60.96 -27.80 -2.72
CA SER A 193 60.25 -29.03 -3.02
C SER A 193 59.65 -29.04 -4.43
N LEU A 194 60.01 -28.07 -5.27
CA LEU A 194 59.37 -27.98 -6.58
C LEU A 194 59.83 -29.09 -7.52
N GLY A 195 61.11 -29.46 -7.46
CA GLY A 195 61.60 -30.52 -8.32
C GLY A 195 61.48 -31.90 -7.72
N THR A 196 60.52 -32.08 -6.81
CA THR A 196 60.37 -33.35 -6.10
C THR A 196 58.86 -33.55 -6.01
N GLN A 197 58.19 -32.68 -5.26
CA GLN A 197 56.77 -32.83 -4.96
C GLN A 197 55.87 -32.58 -6.16
N THR A 198 54.88 -33.45 -6.34
CA THR A 198 53.89 -33.31 -7.41
C THR A 198 52.70 -32.51 -6.90
N TYR A 199 52.23 -31.56 -7.71
CA TYR A 199 51.05 -30.77 -7.40
C TYR A 199 50.03 -30.93 -8.53
N ILE A 200 48.82 -31.33 -8.15
CA ILE A 200 47.74 -31.60 -9.08
C ILE A 200 46.50 -30.92 -8.53
N CYS A 201 45.67 -30.04 -9.38
CA CYS A 201 44.41 -29.55 -8.85
C CYS A 201 43.27 -30.45 -9.34
N ASN A 202 42.41 -30.61 -8.64
CA ASN A 202 41.28 -31.47 -8.96
C ASN A 202 40.05 -30.58 -9.03
N VAL A 203 39.49 -30.47 -10.22
CA VAL A 203 38.36 -29.57 -10.48
C VAL A 203 37.15 -30.45 -10.76
N ASN A 204 36.07 -30.24 -10.00
CA ASN A 204 34.81 -30.93 -10.25
C ASN A 204 33.74 -29.91 -10.55
N HIS A 205 33.02 -30.11 -11.65
CA HIS A 205 31.91 -29.24 -12.04
C HIS A 205 30.68 -30.13 -12.18
N LYS A 206 29.92 -30.25 -11.09
CA LYS A 206 28.76 -31.14 -11.10
C LYS A 206 27.70 -30.79 -12.15
N PRO A 207 27.34 -29.53 -12.39
CA PRO A 207 26.25 -29.25 -13.35
C PRO A 207 26.50 -29.82 -14.74
N SER A 208 27.75 -29.88 -15.19
CA SER A 208 28.06 -30.45 -16.50
C SER A 208 28.68 -31.83 -16.40
N ASN A 209 28.77 -32.39 -15.19
CA ASN A 209 29.35 -33.71 -14.96
C ASN A 209 30.75 -33.80 -15.57
N THR A 210 31.57 -32.82 -15.25
CA THR A 210 32.94 -32.71 -15.75
C THR A 210 33.91 -32.75 -14.58
N LYS A 211 34.96 -33.56 -14.70
CA LYS A 211 35.98 -33.65 -13.66
C LYS A 211 37.34 -33.62 -14.36
N VAL A 212 38.22 -32.73 -13.91
CA VAL A 212 39.52 -32.52 -14.55
C VAL A 212 40.60 -32.58 -13.46
N ASP A 213 41.69 -33.27 -13.74
CA ASP A 213 42.87 -33.31 -12.86
C ASP A 213 44.06 -32.79 -13.66
N LYS A 214 44.61 -31.67 -13.25
CA LYS A 214 45.65 -30.97 -14.00
C LYS A 214 46.93 -30.93 -13.18
N LYS A 215 47.97 -31.58 -13.68
CA LYS A 215 49.27 -31.44 -13.07
C LYS A 215 49.81 -30.04 -13.34
N VAL A 216 50.44 -29.46 -12.35
CA VAL A 216 51.03 -28.15 -12.46
C VAL A 216 52.52 -28.29 -12.18
N GLU A 217 53.33 -28.05 -13.17
CA GLU A 217 54.76 -28.19 -13.03
C GLU A 217 55.54 -26.99 -13.49
N PRO A 218 56.82 -26.88 -12.99
CA PRO A 218 57.59 -25.74 -13.51
C PRO A 218 57.78 -26.00 -14.96
N LYS A 219 57.87 -24.93 -15.74
CA LYS A 219 58.05 -25.05 -17.19
C LYS A 219 59.52 -25.25 -17.54
N SER A 220 59.80 -25.52 -18.81
CA SER A 220 61.17 -25.73 -19.28
C SER A 220 61.61 -24.59 -20.18
N ILE B 2 9.86 5.56 5.34
CA ILE B 2 10.83 5.62 6.43
C ILE B 2 12.21 5.12 6.01
N VAL B 3 13.20 6.00 6.09
CA VAL B 3 14.57 5.69 5.71
C VAL B 3 15.35 5.30 6.95
N VAL B 4 16.11 4.21 6.85
CA VAL B 4 16.91 3.72 7.97
C VAL B 4 18.34 3.52 7.48
N THR B 5 19.29 4.21 8.10
CA THR B 5 20.63 4.35 7.55
C THR B 5 21.68 3.84 8.55
N GLN B 6 22.65 3.08 8.05
CA GLN B 6 23.83 2.70 8.82
C GLN B 6 25.02 3.43 8.19
N SER B 7 25.57 4.38 8.92
CA SER B 7 26.55 5.31 8.34
C SER B 7 27.90 4.68 8.08
N HIS B 8 28.21 3.56 8.73
CA HIS B 8 29.52 2.91 8.59
C HIS B 8 29.33 1.56 7.90
N LYS B 9 29.81 1.45 6.67
CA LYS B 9 29.73 0.17 5.97
C LYS B 9 30.74 -0.83 6.50
N PHE B 10 31.93 -0.38 6.90
CA PHE B 10 32.99 -1.27 7.37
C PHE B 10 33.55 -0.77 8.69
N MET B 11 33.81 -1.71 9.60
CA MET B 11 34.44 -1.40 10.89
C MET B 11 35.45 -2.49 11.23
N SER B 12 36.62 -2.08 11.69
CA SER B 12 37.67 -3.00 12.10
C SER B 12 37.71 -3.07 13.62
N THR B 13 37.87 -4.27 14.17
CA THR B 13 37.90 -4.42 15.62
C THR B 13 38.95 -5.45 15.99
N SER B 14 39.09 -5.69 17.30
CA SER B 14 39.98 -6.73 17.83
C SER B 14 39.23 -7.67 18.75
N VAL B 15 39.70 -8.91 18.81
CA VAL B 15 39.13 -9.91 19.71
C VAL B 15 39.27 -9.45 21.15
N GLY B 16 38.17 -9.49 21.91
CA GLY B 16 38.19 -9.03 23.28
C GLY B 16 37.84 -7.58 23.49
N ASP B 17 37.66 -6.83 22.42
CA ASP B 17 37.31 -5.41 22.49
C ASP B 17 35.80 -5.21 22.38
N ARG B 18 35.37 -3.98 22.50
CA ARG B 18 33.98 -3.64 22.40
C ARG B 18 33.81 -2.87 21.14
N VAL B 19 32.70 -3.06 20.46
CA VAL B 19 32.37 -2.36 19.21
C VAL B 19 30.90 -1.96 19.24
N SER B 20 30.59 -0.80 18.67
CA SER B 20 29.24 -0.29 18.56
C SER B 20 28.91 0.08 17.13
N ILE B 21 27.72 -0.31 16.69
CA ILE B 21 27.21 -0.07 15.34
C ILE B 21 25.96 0.78 15.47
N THR B 22 25.85 1.82 14.65
CA THR B 22 24.74 2.74 14.76
C THR B 22 23.75 2.56 13.60
N CYS B 23 22.51 2.95 13.88
CA CYS B 23 21.40 2.92 12.94
C CYS B 23 20.49 4.09 13.29
N LYS B 24 20.18 4.92 12.31
CA LYS B 24 19.37 6.13 12.51
C LYS B 24 18.12 6.04 11.64
N ALA B 25 16.95 6.22 12.25
CA ALA B 25 15.70 6.24 11.49
C ALA B 25 15.32 7.66 11.15
N SER B 26 14.65 7.83 10.01
CA SER B 26 14.26 9.16 9.57
C SER B 26 13.04 9.69 10.33
N GLN B 27 12.38 8.86 11.12
CA GLN B 27 11.23 9.28 11.92
C GLN B 27 11.30 8.57 13.27
N ASP B 28 10.51 9.05 14.23
CA ASP B 28 10.39 8.36 15.51
C ASP B 28 9.70 7.01 15.31
N VAL B 29 10.39 5.94 15.68
CA VAL B 29 9.82 4.60 15.54
C VAL B 29 9.78 3.96 16.91
N SER B 30 9.68 4.80 17.95
CA SER B 30 9.73 4.34 19.33
C SER B 30 10.92 3.39 19.41
N VAL B 31 10.72 2.17 19.92
CA VAL B 31 11.79 1.19 19.96
C VAL B 31 11.67 0.03 18.95
N ALA B 32 10.94 0.22 17.87
CA ALA B 32 10.73 -0.90 16.93
C ALA B 32 11.87 -0.99 15.92
N VAL B 33 13.03 -1.43 16.40
CA VAL B 33 14.20 -1.65 15.55
C VAL B 33 14.78 -3.01 15.85
N ALA B 34 15.12 -3.77 14.80
CA ALA B 34 15.66 -5.10 14.92
C ALA B 34 17.04 -5.14 14.26
N TRP B 35 17.88 -6.06 14.74
CA TRP B 35 19.26 -6.22 14.29
C TRP B 35 19.51 -7.66 13.89
N TYR B 36 20.17 -7.87 12.75
CA TYR B 36 20.42 -9.18 12.18
C TYR B 36 21.93 -9.34 11.95
N GLN B 37 22.41 -10.55 12.18
CA GLN B 37 23.77 -10.96 11.85
C GLN B 37 23.72 -11.88 10.63
N GLN B 38 24.60 -11.64 9.65
CA GLN B 38 24.67 -12.51 8.48
C GLN B 38 26.13 -12.86 8.24
N LYS B 39 26.48 -14.11 8.54
CA LYS B 39 27.84 -14.59 8.28
C LYS B 39 27.98 -14.97 6.81
N THR B 40 29.23 -14.96 6.34
CA THR B 40 29.50 -15.25 4.93
C THR B 40 28.91 -16.59 4.54
N GLY B 41 28.07 -16.58 3.51
CA GLY B 41 27.45 -17.78 3.01
C GLY B 41 26.15 -18.19 3.67
N GLN B 42 25.68 -17.48 4.70
CA GLN B 42 24.54 -17.94 5.47
C GLN B 42 23.37 -16.97 5.36
N SER B 43 22.22 -17.42 5.87
CA SER B 43 21.06 -16.56 5.89
C SER B 43 21.14 -15.62 7.09
N PRO B 44 20.52 -14.44 7.01
CA PRO B 44 20.47 -13.56 8.19
C PRO B 44 19.86 -14.26 9.38
N LYS B 45 20.23 -13.79 10.56
CA LYS B 45 19.76 -14.36 11.82
C LYS B 45 19.34 -13.19 12.71
N LEU B 46 18.10 -13.23 13.21
CA LEU B 46 17.63 -12.16 14.08
C LEU B 46 18.31 -12.28 15.45
N LEU B 47 18.99 -11.22 15.87
CA LEU B 47 19.65 -11.19 17.16
C LEU B 47 18.87 -10.38 18.19
N ILE B 48 18.36 -9.21 17.82
CA ILE B 48 17.67 -8.31 18.76
C ILE B 48 16.46 -7.70 18.07
N TYR B 49 15.34 -7.64 18.79
CA TYR B 49 14.13 -6.97 18.33
C TYR B 49 13.67 -5.99 19.40
N SER B 50 12.85 -5.03 18.99
CA SER B 50 12.42 -3.94 19.85
C SER B 50 13.61 -3.28 20.55
N ALA B 51 14.69 -3.09 19.78
CA ALA B 51 15.87 -2.34 20.18
C ALA B 51 16.73 -3.03 21.23
N SER B 52 16.14 -3.72 22.21
CA SER B 52 16.95 -4.27 23.28
C SER B 52 16.66 -5.73 23.66
N TYR B 53 15.71 -6.41 23.03
CA TYR B 53 15.33 -7.74 23.48
C TYR B 53 16.04 -8.81 22.66
N ARG B 54 16.78 -9.67 23.36
CA ARG B 54 17.53 -10.75 22.74
C ARG B 54 16.63 -11.96 22.50
N ILE B 55 16.83 -12.62 21.36
CA ILE B 55 16.18 -13.89 21.08
C ILE B 55 16.77 -14.95 21.99
N THR B 56 15.93 -15.88 22.47
CA THR B 56 16.41 -16.93 23.35
C THR B 56 17.56 -17.69 22.67
N GLY B 57 18.66 -17.85 23.40
CA GLY B 57 19.85 -18.48 22.88
C GLY B 57 20.91 -17.54 22.34
N VAL B 58 20.55 -16.29 22.06
CA VAL B 58 21.55 -15.33 21.55
C VAL B 58 22.55 -15.03 22.66
N PRO B 59 23.86 -15.06 22.38
CA PRO B 59 24.85 -14.89 23.46
C PRO B 59 24.72 -13.56 24.19
N ASP B 60 25.25 -13.54 25.42
CA ASP B 60 25.06 -12.41 26.33
C ASP B 60 25.81 -11.16 25.85
N ARG B 61 26.94 -11.34 25.15
CA ARG B 61 27.75 -10.20 24.71
C ARG B 61 27.07 -9.33 23.67
N PHE B 62 25.91 -9.74 23.13
CA PHE B 62 25.16 -8.95 22.17
C PHE B 62 24.09 -8.14 22.90
N THR B 63 24.11 -6.83 22.73
CA THR B 63 23.10 -5.97 23.34
C THR B 63 22.70 -4.86 22.38
N GLY B 64 21.57 -4.25 22.67
CA GLY B 64 21.07 -3.15 21.86
C GLY B 64 20.38 -2.12 22.73
N SER B 65 20.39 -0.87 22.28
CA SER B 65 19.83 0.24 23.01
C SER B 65 19.34 1.29 22.03
N GLY B 66 18.62 2.28 22.56
CA GLY B 66 18.13 3.36 21.74
C GLY B 66 16.62 3.51 21.75
N SER B 67 16.14 4.69 21.37
CA SER B 67 14.72 5.00 21.40
C SER B 67 14.47 6.18 20.49
N GLY B 68 13.33 6.16 19.82
CA GLY B 68 12.94 7.27 18.98
C GLY B 68 13.58 7.19 17.62
N THR B 69 14.81 7.67 17.51
CA THR B 69 15.41 7.95 16.22
C THR B 69 16.85 7.44 16.07
N ASP B 70 17.58 7.22 17.17
CA ASP B 70 18.97 6.76 17.11
C ASP B 70 19.13 5.48 17.92
N PHE B 71 19.75 4.47 17.31
CA PHE B 71 19.77 3.11 17.84
C PHE B 71 21.20 2.56 17.78
N THR B 72 21.56 1.73 18.76
CA THR B 72 22.92 1.21 18.83
C THR B 72 22.92 -0.30 19.07
N PHE B 73 23.76 -0.99 18.32
CA PHE B 73 24.04 -2.40 18.55
C PHE B 73 25.47 -2.51 19.07
N THR B 74 25.66 -3.26 20.16
CA THR B 74 26.95 -3.34 20.81
C THR B 74 27.35 -4.79 21.04
N ILE B 75 28.61 -5.11 20.75
CA ILE B 75 29.23 -6.36 21.17
C ILE B 75 30.20 -6.04 22.30
N SER B 76 29.95 -6.61 23.48
CA SER B 76 30.68 -6.20 24.68
C SER B 76 32.12 -6.67 24.62
N SER B 77 32.22 -7.94 24.30
CA SER B 77 33.62 -8.08 23.87
C SER B 77 33.62 -8.90 22.58
N VAL B 78 34.22 -8.75 21.73
CA VAL B 78 34.21 -9.40 20.43
C VAL B 78 34.93 -10.73 20.48
N GLN B 79 34.31 -11.76 19.89
CA GLN B 79 34.94 -13.04 19.66
C GLN B 79 35.12 -13.25 18.16
N ALA B 80 36.10 -14.09 17.81
CA ALA B 80 36.44 -14.31 16.40
C ALA B 80 35.22 -14.72 15.58
N GLU B 81 34.36 -15.57 16.13
CA GLU B 81 33.20 -16.05 15.39
C GLU B 81 32.20 -14.93 15.08
N ASP B 82 32.45 -13.71 15.57
CA ASP B 82 31.51 -12.60 15.42
C ASP B 82 31.68 -11.79 14.14
N MET B 83 32.70 -12.07 13.33
CA MET B 83 32.85 -11.37 12.05
C MET B 83 31.71 -11.74 11.11
N ALA B 84 31.03 -10.72 10.60
CA ALA B 84 29.80 -10.85 9.82
C ALA B 84 29.35 -9.46 9.38
N VAL B 85 28.30 -9.37 8.57
CA VAL B 85 27.62 -8.11 8.27
C VAL B 85 26.38 -8.01 9.18
N TYR B 86 26.18 -6.86 9.80
CA TYR B 86 25.04 -6.60 10.69
C TYR B 86 24.08 -5.61 10.04
N TYR B 87 22.78 -5.89 10.14
CA TYR B 87 21.74 -5.10 9.49
C TYR B 87 20.70 -4.68 10.52
N CYS B 88 20.20 -3.44 10.40
CA CYS B 88 19.02 -3.03 11.14
C CYS B 88 17.81 -2.96 10.22
N GLN B 89 16.62 -3.01 10.84
CA GLN B 89 15.34 -2.98 10.14
C GLN B 89 14.33 -2.35 11.09
N GLN B 90 13.51 -1.44 10.58
CA GLN B 90 12.45 -0.90 11.43
C GLN B 90 11.22 -1.80 11.31
N HIS B 91 10.47 -1.94 12.41
CA HIS B 91 9.33 -2.84 12.44
C HIS B 91 8.21 -2.22 13.28
N TYR B 92 7.87 -0.97 12.95
CA TYR B 92 7.03 -0.14 13.82
C TYR B 92 5.56 -0.21 13.42
N SER B 93 5.19 0.33 12.26
CA SER B 93 3.76 0.42 11.97
C SER B 93 3.39 0.06 10.53
N THR B 94 4.06 0.62 9.53
CA THR B 94 3.60 0.44 8.15
C THR B 94 4.74 0.12 7.20
N PRO B 95 4.48 -0.69 6.17
CA PRO B 95 5.50 -0.95 5.14
C PRO B 95 5.80 0.30 4.33
N PRO B 96 6.93 0.33 3.60
CA PRO B 96 7.92 -0.73 3.38
C PRO B 96 8.83 -0.95 4.57
N TRP B 97 9.15 -2.21 4.86
CA TRP B 97 10.00 -2.57 5.99
C TRP B 97 11.47 -2.54 5.55
N THR B 98 11.98 -1.33 5.38
CA THR B 98 13.31 -1.11 4.82
C THR B 98 14.40 -1.64 5.74
N PHE B 99 15.42 -2.25 5.14
CA PHE B 99 16.67 -2.58 5.83
C PHE B 99 17.66 -1.42 5.71
N GLY B 100 18.52 -1.26 6.74
CA GLY B 100 19.72 -0.47 6.61
C GLY B 100 20.71 -1.15 5.66
N GLY B 101 21.73 -0.39 5.24
CA GLY B 101 22.68 -0.90 4.26
C GLY B 101 23.65 -1.94 4.78
N GLY B 102 23.72 -2.14 6.09
CA GLY B 102 24.63 -3.15 6.65
C GLY B 102 25.98 -2.58 7.05
N THR B 103 26.60 -3.23 8.02
CA THR B 103 27.92 -2.87 8.55
C THR B 103 28.74 -4.15 8.67
N LYS B 104 29.83 -4.24 7.93
CA LYS B 104 30.65 -5.45 7.93
C LYS B 104 31.78 -5.30 8.94
N LEU B 105 31.96 -6.31 9.79
CA LEU B 105 33.00 -6.29 10.82
C LEU B 105 34.20 -7.09 10.37
N GLU B 106 35.40 -6.54 10.58
CA GLU B 106 36.68 -7.14 10.23
C GLU B 106 37.62 -7.10 11.45
N ILE B 107 38.55 -8.04 11.51
CA ILE B 107 39.58 -8.03 12.55
C ILE B 107 40.71 -7.10 12.11
N LYS B 108 41.12 -6.18 13.00
CA LYS B 108 42.31 -5.40 12.71
C LYS B 108 43.58 -6.16 13.11
N ARG B 109 44.65 -5.88 12.37
CA ARG B 109 45.97 -6.45 12.63
C ARG B 109 47.03 -5.50 12.08
N THR B 110 48.28 -5.90 12.20
CA THR B 110 49.34 -5.04 11.70
C THR B 110 49.39 -5.07 10.17
N VAL B 111 49.91 -3.97 9.60
CA VAL B 111 50.03 -3.85 8.16
C VAL B 111 50.92 -4.97 7.64
N ALA B 112 50.51 -5.60 6.55
CA ALA B 112 51.31 -6.66 5.95
C ALA B 112 51.35 -6.45 4.45
N ALA B 113 52.55 -6.30 3.89
CA ALA B 113 52.70 -6.13 2.45
C ALA B 113 52.34 -7.41 1.71
N PRO B 114 51.73 -7.29 0.53
CA PRO B 114 51.42 -8.51 -0.25
C PRO B 114 52.68 -9.11 -0.83
N SER B 115 52.69 -10.44 -0.95
CA SER B 115 53.67 -11.09 -1.81
C SER B 115 53.08 -11.14 -3.21
N VAL B 116 53.87 -10.82 -4.22
CA VAL B 116 53.36 -10.66 -5.58
C VAL B 116 53.99 -11.68 -6.50
N PHE B 117 53.19 -12.25 -7.40
CA PHE B 117 53.60 -13.28 -8.34
C PHE B 117 52.88 -13.04 -9.66
N ILE B 118 53.59 -13.19 -10.77
CA ILE B 118 52.98 -13.08 -12.09
C ILE B 118 53.10 -14.43 -12.81
N PHE B 119 52.06 -14.80 -13.55
CA PHE B 119 52.01 -16.10 -14.24
C PHE B 119 51.72 -15.89 -15.71
N PRO B 120 52.62 -16.27 -16.61
CA PRO B 120 52.31 -16.21 -18.06
C PRO B 120 51.22 -17.20 -18.44
N PRO B 121 50.59 -17.02 -19.61
CA PRO B 121 49.66 -18.05 -20.12
C PRO B 121 50.41 -19.33 -20.35
N SER B 122 49.71 -20.45 -20.14
CA SER B 122 50.24 -21.75 -20.52
C SER B 122 50.20 -21.94 -22.03
N ASP B 123 51.05 -22.85 -22.52
CA ASP B 123 50.99 -23.19 -23.94
C ASP B 123 49.67 -23.86 -24.29
N GLU B 124 49.07 -24.57 -23.33
CA GLU B 124 47.78 -25.22 -23.57
C GLU B 124 46.71 -24.20 -23.94
N GLN B 125 46.60 -23.12 -23.15
CA GLN B 125 45.63 -22.07 -23.46
C GLN B 125 45.98 -21.33 -24.74
N LEU B 126 47.26 -21.03 -24.93
CA LEU B 126 47.67 -20.30 -26.12
C LEU B 126 47.28 -21.03 -27.39
N LYS B 127 47.16 -22.37 -27.33
CA LYS B 127 46.71 -23.12 -28.49
C LYS B 127 45.24 -22.85 -28.79
N SER B 128 44.45 -22.52 -27.77
CA SER B 128 43.02 -22.28 -27.91
C SER B 128 42.70 -20.90 -28.46
N GLY B 129 43.69 -20.03 -28.67
CA GLY B 129 43.44 -18.71 -29.23
C GLY B 129 43.25 -17.60 -28.23
N THR B 130 43.41 -17.85 -26.94
CA THR B 130 43.27 -16.78 -25.95
C THR B 130 44.44 -16.86 -24.97
N ALA B 131 44.78 -15.72 -24.39
CA ALA B 131 45.83 -15.66 -23.39
C ALA B 131 45.29 -14.98 -22.14
N SER B 132 45.49 -15.64 -20.99
CA SER B 132 45.21 -15.07 -19.67
C SER B 132 46.53 -14.89 -18.95
N VAL B 133 46.83 -13.66 -18.54
CA VAL B 133 47.95 -13.38 -17.65
C VAL B 133 47.38 -13.15 -16.26
N VAL B 134 47.99 -13.75 -15.24
CA VAL B 134 47.45 -13.66 -13.89
C VAL B 134 48.50 -13.08 -12.95
N CYS B 135 48.06 -12.14 -12.12
CA CYS B 135 48.89 -11.48 -11.11
C CYS B 135 48.26 -11.76 -9.75
N LEU B 136 49.05 -12.33 -8.84
CA LEU B 136 48.55 -12.76 -7.53
C LEU B 136 49.15 -11.90 -6.43
N LEU B 137 48.29 -11.37 -5.53
CA LEU B 137 48.72 -10.60 -4.35
C LEU B 137 48.33 -11.40 -3.13
N ASN B 138 49.31 -11.90 -2.39
CA ASN B 138 49.06 -12.90 -1.36
C ASN B 138 49.27 -12.35 0.05
N ASN B 139 48.27 -12.55 0.91
CA ASN B 139 48.37 -12.40 2.37
C ASN B 139 48.78 -10.99 2.78
N PHE B 140 47.93 -10.02 2.45
CA PHE B 140 48.20 -8.64 2.76
C PHE B 140 47.11 -8.06 3.66
N TYR B 141 47.46 -6.95 4.33
CA TYR B 141 46.50 -6.22 5.17
C TYR B 141 46.94 -4.76 5.22
N PRO B 142 46.02 -3.79 5.09
CA PRO B 142 44.55 -3.90 4.98
C PRO B 142 44.09 -4.22 3.56
N ARG B 143 42.81 -4.38 3.41
CA ARG B 143 42.21 -4.79 2.19
C ARG B 143 42.49 -4.02 0.94
N GLU B 144 42.62 -2.73 1.07
CA GLU B 144 42.75 -1.82 -0.05
C GLU B 144 44.07 -2.03 -0.81
N ALA B 145 43.98 -2.34 -2.10
CA ALA B 145 45.16 -2.62 -2.91
C ALA B 145 44.83 -2.34 -4.36
N LYS B 146 45.88 -2.01 -5.13
CA LYS B 146 45.67 -1.59 -6.50
C LYS B 146 46.64 -2.31 -7.41
N VAL B 147 46.13 -2.83 -8.52
CA VAL B 147 46.92 -3.55 -9.51
C VAL B 147 46.84 -2.79 -10.82
N GLN B 148 47.99 -2.50 -11.40
CA GLN B 148 48.03 -1.84 -12.70
C GLN B 148 48.75 -2.75 -13.67
N TRP B 149 48.12 -3.04 -14.80
CA TRP B 149 48.74 -3.85 -15.84
C TRP B 149 49.45 -2.96 -16.83
N LYS B 150 50.70 -3.30 -17.13
CA LYS B 150 51.49 -2.62 -18.15
C LYS B 150 51.92 -3.63 -19.21
N VAL B 151 51.72 -3.27 -20.48
CA VAL B 151 52.11 -4.10 -21.62
C VAL B 151 52.98 -3.22 -22.52
N ASP B 152 54.30 -3.46 -22.48
CA ASP B 152 55.28 -2.55 -23.08
C ASP B 152 55.13 -1.12 -22.54
N ASN B 153 54.79 -1.04 -21.26
CA ASN B 153 54.61 0.19 -20.48
C ASN B 153 53.37 0.98 -20.87
N ALA B 154 52.53 0.45 -21.76
CA ALA B 154 51.24 1.06 -22.01
C ALA B 154 50.26 0.56 -20.95
N LEU B 155 49.72 1.47 -20.14
CA LEU B 155 48.73 1.12 -19.12
C LEU B 155 47.50 0.50 -19.78
N GLN B 156 47.00 -0.57 -19.18
CA GLN B 156 45.84 -1.27 -19.70
C GLN B 156 44.58 -0.85 -18.96
N SER B 157 43.44 -0.91 -19.64
CA SER B 157 42.17 -0.50 -19.07
C SER B 157 41.04 -1.31 -19.67
N GLY B 158 40.13 -1.77 -18.83
CA GLY B 158 38.92 -2.41 -19.28
C GLY B 158 39.07 -3.83 -19.79
N ASN B 159 40.26 -4.43 -19.70
CA ASN B 159 40.47 -5.81 -20.12
C ASN B 159 41.02 -6.66 -18.99
N SER B 160 40.70 -6.31 -17.75
CA SER B 160 41.12 -7.09 -16.59
C SER B 160 39.95 -7.22 -15.62
N GLN B 161 40.04 -8.25 -14.77
CA GLN B 161 39.06 -8.53 -13.73
C GLN B 161 39.82 -9.09 -12.54
N GLU B 162 39.36 -8.73 -11.34
CA GLU B 162 39.99 -9.22 -10.12
C GLU B 162 38.93 -9.73 -9.16
N SER B 163 39.38 -10.54 -8.21
CA SER B 163 38.53 -10.98 -7.12
C SER B 163 39.39 -11.13 -5.86
N VAL B 164 38.73 -11.00 -4.71
CA VAL B 164 39.40 -10.94 -3.41
C VAL B 164 38.83 -12.02 -2.50
N THR B 165 39.69 -12.62 -1.69
CA THR B 165 39.22 -13.53 -0.67
C THR B 165 38.59 -12.74 0.49
N GLU B 166 37.74 -13.43 1.26
CA GLU B 166 37.36 -12.90 2.56
C GLU B 166 38.56 -12.94 3.50
N GLN B 167 38.42 -12.28 4.65
CA GLN B 167 39.54 -12.22 5.57
C GLN B 167 39.84 -13.62 6.11
N ASP B 168 41.12 -13.97 6.13
CA ASP B 168 41.51 -15.28 6.62
C ASP B 168 41.27 -15.37 8.12
N SER B 169 40.66 -16.48 8.56
CA SER B 169 40.30 -16.59 9.98
C SER B 169 41.52 -16.82 10.88
N LYS B 170 42.63 -17.35 10.34
CA LYS B 170 43.76 -17.68 11.19
C LYS B 170 44.80 -16.56 11.25
N ASP B 171 45.02 -15.81 10.17
CA ASP B 171 46.00 -14.72 10.21
C ASP B 171 45.44 -13.35 9.81
N SER B 172 44.14 -13.25 9.51
CA SER B 172 43.46 -11.98 9.32
C SER B 172 43.90 -11.21 8.08
N THR B 173 44.53 -11.87 7.11
CA THR B 173 44.94 -11.24 5.86
C THR B 173 43.95 -11.50 4.73
N TYR B 174 44.17 -10.77 3.64
CA TYR B 174 43.39 -10.86 2.42
C TYR B 174 44.30 -11.36 1.31
N SER B 175 43.69 -11.88 0.23
CA SER B 175 44.47 -12.15 -0.98
C SER B 175 43.63 -11.73 -2.18
N LEU B 176 44.30 -11.47 -3.29
CA LEU B 176 43.64 -10.91 -4.46
C LEU B 176 44.34 -11.47 -5.70
N SER B 177 43.57 -11.81 -6.70
CA SER B 177 44.16 -12.15 -7.99
C SER B 177 43.52 -11.28 -9.06
N SER B 178 44.34 -10.87 -10.03
CA SER B 178 43.88 -10.08 -11.16
C SER B 178 44.25 -10.80 -12.45
N THR B 179 43.33 -10.78 -13.42
CA THR B 179 43.51 -11.52 -14.67
C THR B 179 43.41 -10.56 -15.84
N LEU B 180 44.48 -10.45 -16.59
CA LEU B 180 44.49 -9.73 -17.86
C LEU B 180 44.20 -10.71 -18.98
N THR B 181 43.18 -10.44 -19.78
CA THR B 181 42.81 -11.33 -20.88
C THR B 181 43.02 -10.60 -22.18
N LEU B 182 43.77 -11.22 -23.09
CA LEU B 182 44.02 -10.66 -24.42
C LEU B 182 43.79 -11.74 -25.46
N SER B 183 43.44 -11.32 -26.68
CA SER B 183 43.47 -12.26 -27.77
C SER B 183 44.89 -12.74 -28.00
N LYS B 184 45.00 -13.98 -28.48
CA LYS B 184 46.32 -14.55 -28.78
C LYS B 184 47.09 -13.66 -29.74
N ALA B 185 46.42 -13.15 -30.77
CA ALA B 185 47.09 -12.26 -31.73
C ALA B 185 47.66 -11.04 -31.02
N ASP B 186 46.88 -10.44 -30.11
CA ASP B 186 47.38 -9.27 -29.39
C ASP B 186 48.50 -9.63 -28.44
N TYR B 187 48.41 -10.80 -27.79
CA TYR B 187 49.43 -11.19 -26.81
C TYR B 187 50.78 -11.40 -27.47
N GLU B 188 50.79 -11.96 -28.68
CA GLU B 188 52.04 -12.28 -29.35
C GLU B 188 52.73 -11.05 -29.94
N LYS B 189 51.97 -9.99 -30.21
CA LYS B 189 52.57 -8.80 -30.80
C LYS B 189 53.18 -7.85 -29.76
N HIS B 190 53.13 -8.20 -28.47
CA HIS B 190 53.80 -7.43 -27.44
C HIS B 190 54.77 -8.32 -26.67
N LYS B 191 55.75 -7.70 -26.02
CA LYS B 191 56.89 -8.42 -25.46
C LYS B 191 56.89 -8.50 -23.93
N VAL B 192 56.80 -7.37 -23.23
CA VAL B 192 56.99 -7.35 -21.77
C VAL B 192 55.66 -7.18 -21.07
N TYR B 193 55.34 -8.10 -20.17
CA TYR B 193 54.09 -8.08 -19.44
C TYR B 193 54.38 -7.87 -17.95
N ALA B 194 53.76 -6.86 -17.37
CA ALA B 194 54.05 -6.47 -16.00
C ALA B 194 52.78 -6.12 -15.23
N CYS B 195 52.76 -6.45 -13.95
CA CYS B 195 51.74 -5.93 -13.04
C CYS B 195 52.44 -5.14 -11.94
N GLU B 196 51.94 -3.94 -11.70
CA GLU B 196 52.46 -3.02 -10.69
C GLU B 196 51.44 -2.91 -9.57
N VAL B 197 51.88 -3.16 -8.34
CA VAL B 197 50.99 -3.28 -7.19
C VAL B 197 51.25 -2.15 -6.23
N THR B 198 50.19 -1.47 -5.81
CA THR B 198 50.27 -0.40 -4.82
C THR B 198 49.53 -0.85 -3.56
N HIS B 199 50.17 -0.64 -2.40
CA HIS B 199 49.60 -1.07 -1.12
C HIS B 199 50.31 -0.34 0.02
N GLN B 200 49.55 -0.09 1.10
CA GLN B 200 50.09 0.66 2.23
C GLN B 200 51.36 0.03 2.79
N GLY B 201 51.50 -1.30 2.71
CA GLY B 201 52.67 -1.95 3.25
C GLY B 201 53.93 -1.90 2.41
N LEU B 202 53.85 -1.36 1.19
CA LEU B 202 55.01 -1.12 0.32
C LEU B 202 55.26 0.38 0.27
N ARG B 203 56.49 0.81 0.54
CA ARG B 203 56.72 2.25 0.48
C ARG B 203 56.73 2.76 -0.95
N SER B 204 56.89 1.86 -1.93
CA SER B 204 56.82 2.16 -3.35
C SER B 204 56.07 1.04 -4.04
N PRO B 205 55.39 1.32 -5.15
CA PRO B 205 54.72 0.25 -5.89
C PRO B 205 55.73 -0.79 -6.37
N VAL B 206 55.33 -2.05 -6.32
CA VAL B 206 56.18 -3.18 -6.66
C VAL B 206 55.75 -3.72 -8.02
N THR B 207 56.73 -4.02 -8.88
CA THR B 207 56.47 -4.57 -10.22
C THR B 207 56.99 -6.00 -10.31
N LYS B 208 56.16 -6.90 -10.82
CA LYS B 208 56.60 -8.21 -11.30
C LYS B 208 56.37 -8.29 -12.80
N SER B 209 57.28 -8.94 -13.52
CA SER B 209 57.17 -8.90 -14.98
C SER B 209 57.81 -10.15 -15.60
N PHE B 210 57.48 -10.37 -16.87
CA PHE B 210 58.09 -11.46 -17.63
C PHE B 210 58.18 -11.06 -19.10
N ASN B 211 59.18 -11.62 -19.80
CA ASN B 211 59.26 -11.47 -21.25
C ASN B 211 58.59 -12.64 -21.92
N ARG B 212 57.74 -12.37 -22.91
CA ARG B 212 56.94 -13.43 -23.54
C ARG B 212 57.82 -14.58 -24.03
N GLY B 213 59.01 -14.28 -24.52
CA GLY B 213 59.98 -15.32 -24.78
C GLY B 213 60.41 -16.03 -23.50
N GLN C 1 -24.03 -7.05 19.96
CA GLN C 1 -24.18 -5.74 20.57
C GLN C 1 -22.94 -4.92 20.33
N VAL C 2 -22.39 -5.07 19.16
CA VAL C 2 -21.30 -4.27 18.76
C VAL C 2 -21.91 -2.92 18.51
N GLN C 3 -21.25 -1.88 18.95
CA GLN C 3 -21.71 -0.54 18.71
C GLN C 3 -20.54 0.36 18.43
N LEU C 4 -20.73 1.25 17.49
CA LEU C 4 -19.73 2.26 17.15
C LEU C 4 -20.38 3.61 17.36
N GLN C 5 -19.83 4.40 18.27
CA GLN C 5 -20.44 5.63 18.71
C GLN C 5 -19.72 6.84 18.11
N GLN C 6 -20.43 7.64 17.32
CA GLN C 6 -19.84 8.84 16.74
C GLN C 6 -20.66 10.07 17.12
N PRO C 7 -20.01 11.21 17.36
CA PRO C 7 -20.79 12.44 17.58
C PRO C 7 -21.55 12.87 16.32
N GLY C 8 -22.69 13.51 16.54
CA GLY C 8 -23.60 13.76 15.43
C GLY C 8 -23.09 14.74 14.40
N THR C 9 -22.50 15.85 14.86
CA THR C 9 -22.20 16.97 13.97
C THR C 9 -20.86 17.58 14.32
N GLU C 10 -20.22 18.20 13.32
CA GLU C 10 -19.06 19.06 13.48
C GLU C 10 -19.18 20.22 12.49
N LEU C 11 -18.84 21.43 12.96
CA LEU C 11 -18.86 22.63 12.12
C LEU C 11 -17.50 23.29 12.20
N VAL C 12 -16.90 23.54 11.04
CA VAL C 12 -15.52 23.99 10.95
C VAL C 12 -15.42 25.02 9.83
N LYS C 13 -14.50 25.98 9.99
CA LYS C 13 -14.23 27.04 9.02
C LYS C 13 -13.36 26.49 7.89
N PRO C 14 -13.53 27.03 6.67
CA PRO C 14 -12.60 26.70 5.59
C PRO C 14 -11.15 26.91 5.99
N GLY C 15 -10.30 25.97 5.59
CA GLY C 15 -8.89 26.04 5.91
C GLY C 15 -8.50 25.43 7.25
N ALA C 16 -9.45 25.18 8.15
CA ALA C 16 -9.09 24.56 9.42
C ALA C 16 -8.93 23.05 9.24
N SER C 17 -8.54 22.39 10.33
CA SER C 17 -8.48 20.93 10.44
C SER C 17 -9.62 20.46 11.33
N VAL C 18 -9.83 19.14 11.38
CA VAL C 18 -10.81 18.58 12.30
C VAL C 18 -10.39 17.15 12.63
N LYS C 19 -10.78 16.71 13.81
CA LYS C 19 -10.50 15.35 14.27
C LYS C 19 -11.80 14.69 14.66
N LEU C 20 -12.19 13.64 13.94
CA LEU C 20 -13.43 12.92 14.19
C LEU C 20 -13.12 11.62 14.92
N SER C 21 -14.03 11.20 15.80
CA SER C 21 -13.78 10.07 16.68
C SER C 21 -14.89 9.02 16.52
N CYS C 22 -14.54 7.78 16.87
CA CYS C 22 -15.47 6.67 16.75
C CYS C 22 -15.15 5.69 17.88
N LYS C 23 -16.04 5.58 18.86
CA LYS C 23 -15.79 4.78 20.07
C LYS C 23 -16.46 3.42 19.97
N ALA C 24 -15.66 2.35 20.02
CA ALA C 24 -16.15 0.99 19.80
C ALA C 24 -16.43 0.27 21.11
N SER C 25 -17.50 -0.51 21.14
CA SER C 25 -17.86 -1.30 22.31
C SER C 25 -18.51 -2.60 21.85
N GLY C 26 -18.42 -3.61 22.72
CA GLY C 26 -19.10 -4.87 22.48
C GLY C 26 -18.25 -5.95 21.85
N TYR C 27 -16.97 -5.68 21.60
CA TYR C 27 -16.06 -6.68 21.04
C TYR C 27 -14.64 -6.25 21.37
N THR C 28 -13.68 -7.15 21.12
CA THR C 28 -12.27 -6.86 21.33
C THR C 28 -11.75 -5.92 20.23
N PHE C 29 -11.54 -4.66 20.61
CA PHE C 29 -11.23 -3.58 19.65
C PHE C 29 -10.05 -3.93 18.76
N THR C 30 -8.99 -4.52 19.33
CA THR C 30 -7.79 -4.81 18.54
C THR C 30 -7.95 -5.96 17.56
N SER C 31 -9.09 -6.64 17.54
CA SER C 31 -9.22 -7.85 16.73
C SER C 31 -9.78 -7.58 15.32
N TYR C 32 -10.15 -6.34 14.98
CA TYR C 32 -10.76 -6.05 13.68
C TYR C 32 -10.24 -4.73 13.14
N TRP C 33 -10.02 -4.67 11.82
CA TRP C 33 -9.70 -3.38 11.21
C TRP C 33 -10.88 -2.42 11.34
N MET C 34 -10.59 -1.12 11.42
CA MET C 34 -11.60 -0.07 11.40
C MET C 34 -11.52 0.71 10.09
N HIS C 35 -12.67 0.94 9.44
CA HIS C 35 -12.76 1.64 8.18
C HIS C 35 -13.45 2.99 8.37
N TRP C 36 -13.13 3.95 7.49
CA TRP C 36 -13.82 5.23 7.37
C TRP C 36 -14.40 5.39 5.97
N VAL C 37 -15.65 5.85 5.89
CA VAL C 37 -16.37 6.01 4.64
C VAL C 37 -17.04 7.39 4.60
N LYS C 38 -16.93 8.06 3.46
CA LYS C 38 -17.47 9.40 3.25
C LYS C 38 -18.73 9.30 2.41
N GLN C 39 -19.72 10.14 2.71
CA GLN C 39 -20.93 10.17 1.88
C GLN C 39 -21.42 11.61 1.75
N ARG C 40 -21.33 12.14 0.53
CA ARG C 40 -21.79 13.49 0.26
C ARG C 40 -23.29 13.47 -0.02
N PRO C 41 -23.98 14.60 0.22
CA PRO C 41 -25.44 14.63 0.11
C PRO C 41 -25.98 14.15 -1.23
N GLY C 42 -26.80 13.10 -1.18
CA GLY C 42 -27.40 12.53 -2.37
C GLY C 42 -26.46 11.71 -3.22
N GLN C 43 -25.26 11.41 -2.75
CA GLN C 43 -24.28 10.65 -3.51
C GLN C 43 -24.00 9.32 -2.80
N GLY C 44 -23.08 8.55 -3.38
CA GLY C 44 -22.80 7.22 -2.89
C GLY C 44 -21.81 7.19 -1.75
N LEU C 45 -21.48 5.98 -1.35
CA LEU C 45 -20.49 5.75 -0.32
C LEU C 45 -19.09 5.69 -0.93
N GLU C 46 -18.12 6.34 -0.29
CA GLU C 46 -16.77 6.39 -0.84
C GLU C 46 -15.78 5.95 0.24
N TRP C 47 -15.04 4.88 -0.03
CA TRP C 47 -14.11 4.36 0.96
C TRP C 47 -12.91 5.29 1.12
N ILE C 48 -12.57 5.65 2.36
CA ILE C 48 -11.51 6.60 2.68
C ILE C 48 -10.23 5.87 3.00
N GLY C 49 -10.28 5.00 4.00
CA GLY C 49 -9.09 4.30 4.43
C GLY C 49 -9.36 3.42 5.63
N GLU C 50 -8.30 2.81 6.15
CA GLU C 50 -8.45 1.82 7.20
C GLU C 50 -7.24 1.80 8.11
N ILE C 51 -7.45 1.35 9.36
CA ILE C 51 -6.37 1.19 10.33
C ILE C 51 -6.57 -0.13 11.07
N ASN C 52 -5.47 -0.79 11.41
CA ASN C 52 -5.52 -2.02 12.20
C ASN C 52 -5.15 -1.61 13.62
N PRO C 53 -6.07 -1.64 14.57
CA PRO C 53 -5.71 -1.19 15.94
C PRO C 53 -4.68 -2.05 16.60
N ARG C 54 -4.56 -3.32 16.22
CA ARG C 54 -3.57 -4.17 16.87
C ARG C 54 -2.16 -3.75 16.48
N ASN C 55 -2.00 -3.33 15.21
CA ASN C 55 -0.79 -3.19 14.40
C ASN C 55 -0.32 -1.76 14.23
N GLY C 56 -1.26 -0.82 14.08
CA GLY C 56 -0.94 0.47 13.51
C GLY C 56 -0.90 0.51 11.99
N ARG C 57 -0.99 -0.64 11.31
CA ARG C 57 -1.06 -0.66 9.85
C ARG C 57 -2.23 0.21 9.36
N THR C 58 -1.98 0.99 8.30
CA THR C 58 -3.01 1.82 7.67
C THR C 58 -2.93 1.72 6.15
N ASP C 59 -4.05 2.06 5.49
CA ASP C 59 -4.13 2.16 4.03
C ASP C 59 -5.18 3.20 3.68
N PHE C 60 -4.95 3.93 2.58
CA PHE C 60 -5.85 4.96 2.11
C PHE C 60 -6.13 4.83 0.63
N SER C 61 -7.28 5.36 0.21
CA SER C 61 -7.46 5.59 -1.21
C SER C 61 -6.57 6.75 -1.64
N GLU C 62 -6.24 6.78 -2.93
CA GLU C 62 -5.21 7.69 -3.41
C GLU C 62 -5.55 9.14 -3.09
N LYS C 63 -6.83 9.51 -3.21
CA LYS C 63 -7.22 10.91 -3.05
C LYS C 63 -7.16 11.37 -1.58
N PHE C 64 -7.05 10.44 -0.63
CA PHE C 64 -7.07 10.80 0.77
C PHE C 64 -5.72 10.66 1.45
N LYS C 65 -4.70 10.12 0.78
CA LYS C 65 -3.39 9.95 1.43
C LYS C 65 -2.82 11.27 1.91
N SER C 66 -2.98 12.34 1.14
CA SER C 66 -2.51 13.64 1.60
C SER C 66 -3.48 14.33 2.54
N LYS C 67 -4.70 13.87 2.63
CA LYS C 67 -5.68 14.54 3.42
C LYS C 67 -6.04 14.05 4.81
N ALA C 68 -5.85 12.77 5.06
CA ALA C 68 -6.27 12.15 6.31
C ALA C 68 -5.08 11.53 7.05
N THR C 69 -5.22 11.50 8.37
CA THR C 69 -4.34 10.79 9.29
C THR C 69 -5.20 9.91 10.18
N LEU C 70 -4.90 8.61 10.26
CA LEU C 70 -5.67 7.69 11.07
C LEU C 70 -4.85 7.32 12.31
N THR C 71 -5.52 7.28 13.46
CA THR C 71 -4.89 6.89 14.71
C THR C 71 -5.92 6.11 15.51
N VAL C 72 -5.44 5.43 16.54
CA VAL C 72 -6.31 4.76 17.50
C VAL C 72 -5.78 5.06 18.89
N ASP C 73 -6.67 4.89 19.87
CA ASP C 73 -6.30 4.90 21.29
C ASP C 73 -6.85 3.57 21.82
N THR C 74 -5.97 2.59 22.02
CA THR C 74 -6.47 1.24 22.32
C THR C 74 -6.99 1.12 23.73
N SER C 75 -6.54 1.96 24.65
CA SER C 75 -7.03 1.90 26.02
C SER C 75 -8.48 2.39 26.13
N SER C 76 -8.89 3.33 25.29
CA SER C 76 -10.28 3.78 25.27
C SER C 76 -11.06 3.24 24.07
N SER C 77 -10.52 2.26 23.34
CA SER C 77 -11.20 1.64 22.20
C SER C 77 -11.76 2.67 21.23
N THR C 78 -10.96 3.67 20.86
CA THR C 78 -11.47 4.75 20.02
C THR C 78 -10.55 4.93 18.81
N ALA C 79 -11.16 5.12 17.66
CA ALA C 79 -10.45 5.34 16.41
C ALA C 79 -10.70 6.78 15.96
N PHE C 80 -9.70 7.39 15.34
CA PHE C 80 -9.79 8.81 14.99
C PHE C 80 -9.36 8.99 13.54
N ILE C 81 -9.96 9.98 12.88
CA ILE C 81 -9.48 10.44 11.58
C ILE C 81 -9.33 11.95 11.64
N GLN C 82 -8.16 12.43 11.24
CA GLN C 82 -7.86 13.86 11.19
C GLN C 82 -7.83 14.30 9.72
N LEU C 83 -8.58 15.35 9.39
CA LEU C 83 -8.63 15.88 8.04
C LEU C 83 -8.06 17.29 8.07
N SER C 84 -7.18 17.60 7.11
CA SER C 84 -6.47 18.87 7.06
C SER C 84 -7.00 19.76 5.93
N SER C 85 -6.70 21.05 6.04
CA SER C 85 -6.97 22.07 5.03
C SER C 85 -8.34 21.92 4.39
N LEU C 86 -9.38 22.02 5.22
CA LEU C 86 -10.70 21.65 4.74
C LEU C 86 -11.27 22.69 3.77
N THR C 87 -12.07 22.19 2.83
CA THR C 87 -12.83 23.02 1.92
C THR C 87 -14.27 22.55 1.98
N SER C 88 -15.16 23.33 1.38
CA SER C 88 -16.57 22.96 1.31
C SER C 88 -16.78 21.62 0.58
N GLU C 89 -15.87 21.20 -0.28
CA GLU C 89 -15.96 19.86 -0.87
C GLU C 89 -15.86 18.77 0.18
N ASP C 90 -15.39 19.09 1.39
CA ASP C 90 -15.25 18.10 2.44
C ASP C 90 -16.48 18.01 3.33
N SER C 91 -17.48 18.87 3.12
CA SER C 91 -18.75 18.72 3.80
C SER C 91 -19.41 17.41 3.37
N ALA C 92 -19.70 16.56 4.35
CA ALA C 92 -20.14 15.19 4.07
C ALA C 92 -20.44 14.52 5.40
N VAL C 93 -21.07 13.36 5.31
CA VAL C 93 -21.20 12.46 6.45
C VAL C 93 -20.03 11.49 6.41
N TYR C 94 -19.34 11.33 7.54
CA TYR C 94 -18.20 10.42 7.70
C TYR C 94 -18.60 9.30 8.65
N TYR C 95 -18.60 8.07 8.12
CA TYR C 95 -18.96 6.86 8.87
C TYR C 95 -17.70 6.15 9.31
N CYS C 96 -17.70 5.67 10.55
CA CYS C 96 -16.71 4.64 10.88
C CYS C 96 -17.41 3.30 10.74
N ALA C 97 -16.65 2.27 10.40
CA ALA C 97 -17.23 0.96 10.20
C ALA C 97 -16.21 -0.11 10.54
N ARG C 98 -16.66 -1.16 11.22
CA ARG C 98 -15.82 -2.32 11.48
C ARG C 98 -15.76 -3.23 10.26
N TRP C 99 -14.55 -3.72 9.95
CA TRP C 99 -14.29 -4.72 8.92
C TRP C 99 -14.37 -6.12 9.51
N GLY C 100 -15.18 -6.98 8.91
CA GLY C 100 -15.39 -8.31 9.44
C GLY C 100 -14.20 -9.24 9.30
N TYR C 101 -14.34 -10.42 9.93
CA TYR C 101 -13.23 -11.38 9.95
C TYR C 101 -12.84 -11.80 8.54
N TYR C 102 -13.82 -11.99 7.66
CA TYR C 102 -13.57 -12.28 6.26
C TYR C 102 -13.84 -11.07 5.37
N GLY C 103 -13.77 -9.86 5.92
CA GLY C 103 -14.08 -8.67 5.16
C GLY C 103 -15.56 -8.33 5.20
N SER C 104 -15.89 -7.23 4.50
CA SER C 104 -17.18 -6.54 4.51
C SER C 104 -17.33 -5.69 5.76
N SER C 105 -18.10 -4.61 5.67
CA SER C 105 -18.27 -3.68 6.79
C SER C 105 -19.52 -4.12 7.56
N ASP C 106 -19.31 -4.94 8.58
CA ASP C 106 -20.45 -5.61 9.20
C ASP C 106 -21.16 -4.79 10.28
N TYR C 107 -20.55 -3.70 10.76
CA TYR C 107 -21.19 -2.78 11.70
C TYR C 107 -20.76 -1.35 11.41
N TRP C 108 -21.71 -0.41 11.51
CA TRP C 108 -21.52 0.99 11.15
C TRP C 108 -21.86 1.90 12.33
N GLY C 109 -21.10 2.97 12.50
CA GLY C 109 -21.55 4.07 13.33
C GLY C 109 -22.66 4.85 12.65
N GLN C 110 -23.25 5.79 13.38
CA GLN C 110 -24.33 6.62 12.84
C GLN C 110 -23.84 7.77 11.98
N GLY C 111 -22.53 7.98 11.86
CA GLY C 111 -22.04 9.05 11.01
C GLY C 111 -21.89 10.37 11.75
N THR C 112 -20.81 11.09 11.48
CA THR C 112 -20.65 12.49 11.88
C THR C 112 -20.87 13.38 10.65
N ALA C 113 -21.85 14.27 10.72
CA ALA C 113 -22.10 15.19 9.61
C ALA C 113 -21.18 16.41 9.76
N LEU C 114 -20.20 16.51 8.88
CA LEU C 114 -19.23 17.60 8.96
C LEU C 114 -19.68 18.71 8.03
N THR C 115 -19.78 19.92 8.55
CA THR C 115 -20.05 21.10 7.72
C THR C 115 -18.81 22.01 7.69
N VAL C 116 -18.31 22.29 6.48
CA VAL C 116 -17.22 23.23 6.30
C VAL C 116 -17.80 24.50 5.68
N SER C 117 -17.84 25.59 6.46
CA SER C 117 -18.42 26.83 5.97
C SER C 117 -17.92 28.01 6.80
N SER C 118 -17.87 29.17 6.16
CA SER C 118 -17.55 30.41 6.86
C SER C 118 -18.78 31.13 7.39
N ALA C 119 -19.98 30.59 7.18
CA ALA C 119 -21.19 31.22 7.70
C ALA C 119 -21.18 31.24 9.23
N SER C 120 -21.77 31.80 9.67
CA SER C 120 -21.78 32.12 11.09
C SER C 120 -23.16 31.82 11.68
N THR C 121 -23.36 31.34 12.93
CA THR C 121 -24.59 30.73 13.42
C THR C 121 -25.68 31.78 13.52
N LYS C 122 -26.88 31.42 13.10
CA LYS C 122 -27.92 32.43 12.99
C LYS C 122 -29.27 31.72 12.98
N GLY C 123 -30.26 32.30 13.64
CA GLY C 123 -31.58 31.73 13.65
C GLY C 123 -32.42 32.21 12.48
N PRO C 124 -33.49 31.48 12.16
CA PRO C 124 -34.26 31.80 10.95
C PRO C 124 -35.28 32.90 11.19
N SER C 125 -35.63 33.57 10.09
CA SER C 125 -36.88 34.32 9.99
C SER C 125 -37.94 33.40 9.42
N VAL C 126 -39.16 33.51 9.93
CA VAL C 126 -40.26 32.64 9.51
C VAL C 126 -41.32 33.53 8.89
N PHE C 127 -41.70 33.24 7.64
CA PHE C 127 -42.71 34.04 6.94
C PHE C 127 -43.88 33.15 6.51
N PRO C 128 -45.11 33.64 6.60
CA PRO C 128 -46.25 32.79 6.30
C PRO C 128 -46.44 32.66 4.81
N LEU C 129 -46.90 31.47 4.40
CA LEU C 129 -47.37 31.17 3.04
C LEU C 129 -48.90 31.07 3.13
N ALA C 130 -49.57 32.19 2.86
CA ALA C 130 -51.00 32.36 3.08
C ALA C 130 -51.81 31.65 1.99
N PRO C 131 -52.87 30.94 2.35
CA PRO C 131 -53.72 30.31 1.33
C PRO C 131 -54.41 31.37 0.47
N SER C 132 -54.62 31.05 -0.79
CA SER C 132 -55.23 31.95 -1.73
C SER C 132 -56.61 32.42 -1.30
N SER C 133 -56.83 33.71 -1.35
CA SER C 133 -58.11 34.23 -0.92
C SER C 133 -59.19 34.08 -1.99
N ALA C 142 -54.16 24.80 0.58
CA ALA C 142 -52.72 24.77 0.87
C ALA C 142 -52.23 26.07 1.52
N LEU C 143 -51.42 25.89 2.56
CA LEU C 143 -50.77 26.99 3.27
C LEU C 143 -49.46 26.46 3.84
N GLY C 144 -48.62 27.36 4.36
CA GLY C 144 -47.34 26.92 4.88
C GLY C 144 -46.52 28.04 5.50
N CYS C 145 -45.27 27.69 5.79
CA CYS C 145 -44.30 28.54 6.45
C CYS C 145 -43.01 28.49 5.66
N LEU C 146 -42.44 29.67 5.37
CA LEU C 146 -41.12 29.80 4.76
C LEU C 146 -40.13 30.07 5.88
N VAL C 147 -39.16 29.18 6.04
CA VAL C 147 -38.18 29.25 7.12
C VAL C 147 -36.86 29.68 6.48
N LYS C 148 -36.49 30.96 6.62
CA LYS C 148 -35.46 31.54 5.77
C LYS C 148 -34.23 32.00 6.53
N ASP C 149 -33.06 31.72 5.94
CA ASP C 149 -31.79 32.33 6.32
C ASP C 149 -31.30 31.88 7.69
N TYR C 150 -31.12 30.59 7.89
CA TYR C 150 -30.56 30.10 9.14
C TYR C 150 -29.28 29.29 8.89
N PHE C 151 -28.51 29.11 9.96
CA PHE C 151 -27.26 28.38 9.90
C PHE C 151 -26.84 28.00 11.30
N PRO C 152 -26.33 26.79 11.52
CA PRO C 152 -26.29 25.70 10.54
C PRO C 152 -27.58 24.89 10.57
N GLU C 153 -27.64 23.83 9.76
CA GLU C 153 -28.70 22.85 9.86
C GLU C 153 -28.62 22.13 11.21
N PRO C 154 -29.75 21.63 11.73
CA PRO C 154 -31.07 21.65 11.10
C PRO C 154 -32.10 22.51 11.82
N VAL C 155 -33.31 22.51 11.24
CA VAL C 155 -34.50 23.08 11.82
C VAL C 155 -35.56 21.98 11.81
N THR C 156 -36.58 22.12 12.67
CA THR C 156 -37.51 21.01 12.91
C THR C 156 -38.86 21.16 12.22
N VAL C 157 -39.63 22.18 12.60
CA VAL C 157 -40.97 22.46 12.06
C VAL C 157 -42.36 21.84 11.95
N SER C 158 -42.89 21.41 13.10
CA SER C 158 -44.28 21.03 13.23
C SER C 158 -45.47 21.95 13.08
N TRP C 159 -46.67 21.38 13.02
CA TRP C 159 -47.89 22.14 12.81
C TRP C 159 -48.86 21.92 13.96
N ASN C 160 -49.39 23.02 14.50
CA ASN C 160 -50.32 22.99 15.64
C ASN C 160 -49.80 22.10 16.75
N SER C 161 -48.50 22.20 17.01
CA SER C 161 -47.83 21.49 18.11
C SER C 161 -48.08 19.98 18.02
N GLY C 162 -48.09 19.45 16.80
CA GLY C 162 -48.28 18.03 16.57
C GLY C 162 -49.71 17.59 16.35
N ALA C 163 -50.69 18.46 16.61
CA ALA C 163 -52.09 18.11 16.35
C ALA C 163 -52.42 18.06 14.86
N LEU C 164 -51.46 18.35 13.98
CA LEU C 164 -51.70 18.31 12.55
C LEU C 164 -50.47 17.69 11.90
N THR C 165 -50.57 16.42 11.53
CA THR C 165 -49.53 15.70 10.83
C THR C 165 -49.93 15.27 9.42
N SER C 166 -51.23 15.12 9.16
CA SER C 166 -51.70 14.61 7.89
C SER C 166 -51.55 15.66 6.80
N GLY C 167 -51.00 15.25 5.66
CA GLY C 167 -50.81 16.17 4.57
C GLY C 167 -49.71 17.19 4.78
N VAL C 168 -48.79 16.94 5.70
CA VAL C 168 -47.66 17.84 5.94
C VAL C 168 -46.49 17.42 5.07
N HIS C 169 -45.90 18.38 4.38
CA HIS C 169 -44.67 18.17 3.62
C HIS C 169 -43.66 19.19 4.07
N THR C 170 -42.55 18.71 4.63
CA THR C 170 -41.44 19.57 5.01
C THR C 170 -40.31 19.27 4.05
N PHE C 171 -39.95 20.27 3.22
CA PHE C 171 -39.01 20.02 2.13
C PHE C 171 -37.57 20.06 2.67
N PRO C 172 -36.65 19.35 2.01
CA PRO C 172 -35.24 19.47 2.41
C PRO C 172 -34.78 20.91 2.32
N ALA C 173 -33.81 21.27 3.17
CA ALA C 173 -33.24 22.59 3.13
C ALA C 173 -32.40 22.77 1.87
N VAL C 174 -32.35 24.01 1.39
CA VAL C 174 -31.51 24.41 0.27
C VAL C 174 -30.46 25.39 0.77
N LEU C 175 -29.22 25.20 0.33
CA LEU C 175 -28.18 26.17 0.63
C LEU C 175 -28.29 27.30 -0.38
N GLN C 176 -28.33 28.53 0.12
CA GLN C 176 -28.40 29.70 -0.76
C GLN C 176 -26.99 30.23 -1.04
N SER C 177 -26.92 31.21 -1.95
CA SER C 177 -25.64 31.79 -2.33
C SER C 177 -24.99 32.57 -1.19
N SER C 178 -25.79 32.97 -0.20
CA SER C 178 -25.31 33.66 0.99
C SER C 178 -24.59 32.74 1.98
N GLY C 179 -24.72 31.42 1.84
CA GLY C 179 -24.19 30.51 2.84
C GLY C 179 -25.18 30.12 3.91
N LEU C 180 -26.40 30.67 3.88
CA LEU C 180 -27.45 30.32 4.80
C LEU C 180 -28.44 29.38 4.13
N TYR C 181 -29.19 28.66 4.94
CA TYR C 181 -30.15 27.69 4.46
C TYR C 181 -31.56 28.27 4.46
N SER C 182 -32.43 27.62 3.69
CA SER C 182 -33.83 28.01 3.62
C SER C 182 -34.67 26.78 3.39
N LEU C 183 -35.89 26.81 3.92
CA LEU C 183 -36.73 25.61 3.84
C LEU C 183 -38.17 26.05 3.90
N SER C 184 -39.05 25.29 3.24
CA SER C 184 -40.48 25.48 3.35
C SER C 184 -41.14 24.24 3.93
N SER C 185 -42.23 24.45 4.67
CA SER C 185 -43.10 23.37 5.11
C SER C 185 -44.52 23.79 4.77
N VAL C 186 -45.27 22.89 4.11
CA VAL C 186 -46.62 23.20 3.67
C VAL C 186 -47.60 22.15 4.18
N VAL C 187 -48.88 22.51 4.13
CA VAL C 187 -49.96 21.63 4.56
C VAL C 187 -51.18 21.90 3.68
N THR C 188 -51.92 20.85 3.37
CA THR C 188 -53.19 20.99 2.67
C THR C 188 -54.31 20.67 3.65
N VAL C 189 -55.30 21.55 3.70
CA VAL C 189 -56.39 21.45 4.68
C VAL C 189 -57.70 21.60 3.93
N PRO C 190 -58.83 21.20 4.53
CA PRO C 190 -60.12 21.32 3.85
C PRO C 190 -60.37 22.73 3.34
N SER C 191 -60.81 22.81 2.08
CA SER C 191 -60.92 24.05 1.33
C SER C 191 -61.77 25.11 2.03
N SER C 192 -62.40 24.75 3.15
CA SER C 192 -63.33 25.64 3.84
C SER C 192 -63.08 25.77 5.33
N SER C 193 -62.10 25.06 5.89
CA SER C 193 -61.82 25.16 7.32
C SER C 193 -60.90 26.32 7.62
N LEU C 194 -60.99 27.39 6.82
CA LEU C 194 -60.07 28.51 6.91
C LEU C 194 -60.20 29.60 7.98
N GLY C 195 -61.33 30.31 8.00
CA GLY C 195 -61.55 31.35 9.00
C GLY C 195 -61.92 30.68 10.32
N THR C 196 -62.09 29.36 10.31
CA THR C 196 -62.52 28.68 11.54
C THR C 196 -61.50 27.83 12.31
N GLN C 197 -60.46 27.36 11.64
CA GLN C 197 -59.46 26.54 12.29
C GLN C 197 -58.13 27.26 12.36
N THR C 198 -57.43 27.07 13.48
CA THR C 198 -56.17 27.75 13.76
C THR C 198 -55.00 26.89 13.27
N TYR C 199 -54.09 27.51 12.50
CA TYR C 199 -52.94 26.82 11.93
C TYR C 199 -51.67 27.56 12.31
N ILE C 200 -50.84 26.93 13.14
CA ILE C 200 -49.60 27.52 13.61
C ILE C 200 -48.46 26.56 13.29
N CYS C 201 -47.46 27.05 12.57
CA CYS C 201 -46.25 26.26 12.40
C CYS C 201 -45.25 26.59 13.49
N ASN C 202 -44.78 25.55 14.17
CA ASN C 202 -43.85 25.68 15.27
C ASN C 202 -42.45 25.34 14.77
N VAL C 203 -41.57 26.33 14.81
CA VAL C 203 -40.22 26.24 14.24
C VAL C 203 -39.21 26.33 15.38
N ASN C 204 -38.24 25.41 15.37
CA ASN C 204 -37.20 25.36 16.40
C ASN C 204 -35.84 25.19 15.73
N HIS C 205 -34.92 26.09 16.04
CA HIS C 205 -33.53 26.04 15.57
C HIS C 205 -32.75 26.05 16.86
N LYS C 206 -32.34 24.87 17.28
CA LYS C 206 -31.60 24.64 18.50
C LYS C 206 -30.29 25.42 18.65
N PRO C 207 -29.45 25.46 17.61
CA PRO C 207 -28.18 26.17 17.77
C PRO C 207 -28.31 27.63 18.15
N SER C 208 -29.35 28.28 17.69
CA SER C 208 -29.62 29.66 18.08
C SER C 208 -30.69 29.80 19.16
N ASN C 209 -31.23 28.69 19.66
CA ASN C 209 -32.35 28.70 20.59
C ASN C 209 -33.48 29.60 20.09
N THR C 210 -33.73 29.54 18.77
CA THR C 210 -34.85 30.25 18.18
C THR C 210 -36.08 29.36 18.25
N LYS C 211 -37.17 29.94 18.72
CA LYS C 211 -38.43 29.26 18.79
C LYS C 211 -39.39 30.29 18.33
N VAL C 212 -40.17 29.95 17.34
CA VAL C 212 -41.11 30.88 16.75
C VAL C 212 -42.39 30.09 16.49
N ASP C 213 -43.53 30.70 16.78
CA ASP C 213 -44.83 30.10 16.52
C ASP C 213 -45.61 31.09 15.68
N LYS C 214 -45.62 30.88 14.36
CA LYS C 214 -46.28 31.79 13.44
C LYS C 214 -47.60 31.20 13.02
N LYS C 215 -48.68 31.96 13.22
CA LYS C 215 -49.98 31.55 12.75
C LYS C 215 -50.19 32.06 11.32
N VAL C 216 -50.68 31.18 10.46
CA VAL C 216 -50.85 31.46 9.04
C VAL C 216 -52.35 31.62 8.78
N GLU C 217 -52.71 32.76 8.22
CA GLU C 217 -54.09 33.11 7.91
C GLU C 217 -54.16 33.66 6.50
N PRO C 218 -55.36 33.74 5.92
CA PRO C 218 -55.52 34.47 4.65
C PRO C 218 -55.32 35.96 4.89
N LYS C 219 -54.36 36.54 4.18
CA LYS C 219 -54.00 37.94 4.37
C LYS C 219 -55.07 38.87 3.82
N ILE D 2 -10.98 -4.31 -8.55
CA ILE D 2 -10.88 -3.14 -7.71
C ILE D 2 -11.89 -2.08 -8.13
N VAL D 3 -12.43 -2.20 -9.35
CA VAL D 3 -13.50 -1.34 -9.83
C VAL D 3 -14.78 -2.14 -9.88
N VAL D 4 -15.84 -1.62 -9.28
CA VAL D 4 -17.09 -2.36 -9.15
C VAL D 4 -18.25 -1.44 -9.53
N THR D 5 -19.09 -1.91 -10.43
CA THR D 5 -20.05 -1.08 -11.15
C THR D 5 -21.45 -1.62 -10.96
N GLN D 6 -22.36 -0.73 -10.60
CA GLN D 6 -23.78 -1.03 -10.59
C GLN D 6 -24.42 -0.23 -11.72
N SER D 7 -24.78 -0.91 -12.79
CA SER D 7 -25.73 -0.32 -13.74
C SER D 7 -27.05 -0.06 -13.01
N HIS D 8 -27.84 0.84 -13.59
CA HIS D 8 -29.11 1.28 -13.00
C HIS D 8 -29.22 1.97 -11.65
N LYS D 9 -28.71 3.20 -11.58
CA LYS D 9 -28.98 4.06 -10.44
C LYS D 9 -30.37 3.96 -9.80
N PHE D 10 -31.40 3.79 -10.64
CA PHE D 10 -32.79 3.83 -10.19
C PHE D 10 -33.53 2.63 -10.75
N MET D 11 -34.34 2.01 -9.90
CA MET D 11 -35.22 0.93 -10.30
C MET D 11 -36.58 1.16 -9.66
N SER D 12 -37.64 1.02 -10.46
CA SER D 12 -39.00 1.07 -9.98
C SER D 12 -39.55 -0.35 -9.88
N THR D 13 -40.22 -0.65 -8.77
CA THR D 13 -40.85 -1.95 -8.60
C THR D 13 -42.19 -1.78 -7.88
N SER D 14 -42.97 -2.86 -7.85
CA SER D 14 -44.23 -2.89 -7.13
C SER D 14 -44.13 -3.85 -5.96
N VAL D 15 -44.92 -3.59 -4.92
CA VAL D 15 -44.98 -4.50 -3.79
C VAL D 15 -45.46 -5.85 -4.28
N GLY D 16 -44.75 -6.91 -3.88
CA GLY D 16 -45.09 -8.25 -4.31
C GLY D 16 -44.31 -8.76 -5.50
N ASP D 17 -43.56 -7.88 -6.19
CA ASP D 17 -42.81 -8.28 -7.37
C ASP D 17 -41.40 -8.76 -7.01
N ARG D 18 -40.74 -9.35 -7.99
CA ARG D 18 -39.33 -9.72 -7.87
C ARG D 18 -38.47 -8.58 -8.42
N VAL D 19 -37.39 -8.26 -7.71
CA VAL D 19 -36.42 -7.28 -8.18
C VAL D 19 -35.03 -7.86 -8.05
N SER D 20 -34.19 -7.59 -9.05
CA SER D 20 -32.80 -8.04 -9.10
C SER D 20 -31.90 -6.84 -9.36
N ILE D 21 -30.84 -6.71 -8.57
CA ILE D 21 -29.87 -5.64 -8.75
C ILE D 21 -28.52 -6.26 -9.09
N THR D 22 -27.81 -5.66 -10.02
CA THR D 22 -26.60 -6.26 -10.54
C THR D 22 -25.36 -5.46 -10.16
N CYS D 23 -24.25 -6.18 -10.01
CA CYS D 23 -22.98 -5.57 -9.63
C CYS D 23 -21.90 -6.30 -10.41
N LYS D 24 -21.10 -5.53 -11.14
CA LYS D 24 -20.08 -6.08 -12.03
C LYS D 24 -18.69 -5.69 -11.54
N ALA D 25 -17.87 -6.69 -11.21
CA ALA D 25 -16.47 -6.46 -10.89
C ALA D 25 -15.61 -6.60 -12.14
N SER D 26 -14.42 -6.00 -12.08
CA SER D 26 -13.50 -5.99 -13.21
C SER D 26 -12.37 -7.00 -13.07
N GLN D 27 -12.31 -7.75 -11.96
CA GLN D 27 -11.36 -8.83 -11.75
C GLN D 27 -12.11 -10.03 -11.20
N ASP D 28 -11.49 -11.21 -11.30
CA ASP D 28 -12.02 -12.43 -10.68
C ASP D 28 -11.85 -12.35 -9.15
N VAL D 29 -12.83 -11.67 -8.55
CA VAL D 29 -12.98 -11.57 -7.11
C VAL D 29 -13.96 -12.75 -6.95
N SER D 30 -13.48 -13.84 -6.34
CA SER D 30 -14.25 -15.07 -6.22
C SER D 30 -15.72 -15.22 -5.79
N VAL D 31 -16.06 -14.81 -4.57
CA VAL D 31 -17.46 -14.72 -4.16
C VAL D 31 -17.42 -13.54 -3.20
N ALA D 32 -16.35 -12.75 -3.20
CA ALA D 32 -16.12 -11.78 -2.15
C ALA D 32 -16.77 -10.44 -2.50
N VAL D 33 -18.11 -10.44 -2.50
CA VAL D 33 -18.90 -9.23 -2.74
C VAL D 33 -19.98 -9.14 -1.67
N ALA D 34 -20.13 -7.96 -1.06
CA ALA D 34 -21.11 -7.72 -0.02
C ALA D 34 -22.17 -6.73 -0.50
N TRP D 35 -23.35 -6.83 0.08
CA TRP D 35 -24.48 -5.97 -0.27
C TRP D 35 -24.97 -5.23 0.98
N TYR D 36 -25.21 -3.93 0.84
CA TYR D 36 -25.71 -3.09 1.93
C TYR D 36 -27.03 -2.45 1.53
N GLN D 37 -27.88 -2.25 2.54
CA GLN D 37 -29.12 -1.50 2.38
C GLN D 37 -28.99 -0.20 3.17
N GLN D 38 -29.30 0.92 2.56
CA GLN D 38 -29.27 2.20 3.27
C GLN D 38 -30.57 2.97 3.04
N LYS D 39 -31.39 3.03 4.08
CA LYS D 39 -32.62 3.80 4.03
C LYS D 39 -32.32 5.26 4.33
N THR D 40 -33.20 6.15 3.87
CA THR D 40 -32.94 7.58 3.96
C THR D 40 -32.72 8.00 5.41
N GLY D 41 -31.62 8.72 5.66
CA GLY D 41 -31.30 9.22 6.97
C GLY D 41 -30.66 8.21 7.91
N GLN D 42 -30.40 6.99 7.44
CA GLN D 42 -29.79 5.95 8.26
C GLN D 42 -28.40 5.59 7.73
N SER D 43 -27.67 4.89 8.58
CA SER D 43 -26.39 4.30 8.23
C SER D 43 -26.63 3.09 7.34
N PRO D 44 -25.65 2.70 6.52
CA PRO D 44 -25.78 1.46 5.76
C PRO D 44 -25.84 0.26 6.69
N LYS D 45 -26.51 -0.78 6.22
CA LYS D 45 -26.66 -2.01 7.01
C LYS D 45 -26.39 -3.24 6.16
N LEU D 46 -25.40 -4.03 6.56
CA LEU D 46 -25.05 -5.25 5.83
C LEU D 46 -26.25 -6.17 5.68
N LEU D 47 -26.32 -6.87 4.56
CA LEU D 47 -27.42 -7.79 4.29
C LEU D 47 -26.91 -9.13 3.77
N ILE D 48 -25.79 -9.09 3.05
CA ILE D 48 -25.20 -10.29 2.49
C ILE D 48 -23.70 -10.03 2.36
N TYR D 49 -22.86 -11.04 2.63
CA TYR D 49 -21.44 -10.70 2.63
C TYR D 49 -20.58 -11.45 1.61
N SER D 50 -20.64 -12.77 1.54
CA SER D 50 -19.77 -13.45 0.58
C SER D 50 -20.59 -13.89 -0.61
N ALA D 51 -21.08 -12.88 -1.34
CA ALA D 51 -22.03 -13.04 -2.44
C ALA D 51 -23.37 -13.62 -2.01
N SER D 52 -23.40 -14.57 -1.07
CA SER D 52 -24.65 -15.30 -0.81
C SER D 52 -24.94 -15.57 0.66
N TYR D 53 -24.05 -15.22 1.57
CA TYR D 53 -24.26 -15.51 2.98
C TYR D 53 -25.04 -14.37 3.62
N ARG D 54 -26.19 -14.69 4.20
CA ARG D 54 -27.07 -13.71 4.79
C ARG D 54 -26.71 -13.49 6.26
N ILE D 55 -26.67 -12.22 6.68
CA ILE D 55 -26.47 -11.90 8.08
C ILE D 55 -27.67 -12.38 8.90
N THR D 56 -27.40 -12.94 10.09
CA THR D 56 -28.47 -13.43 10.95
C THR D 56 -29.45 -12.29 11.26
N GLY D 57 -30.74 -12.60 11.19
CA GLY D 57 -31.77 -11.62 11.35
C GLY D 57 -32.26 -10.98 10.07
N VAL D 58 -31.49 -11.07 8.99
CA VAL D 58 -31.93 -10.52 7.70
C VAL D 58 -33.05 -11.37 7.14
N PRO D 59 -34.16 -10.77 6.69
CA PRO D 59 -35.29 -11.57 6.19
C PRO D 59 -34.87 -12.48 5.04
N ASP D 60 -35.64 -13.55 4.87
CA ASP D 60 -35.34 -14.57 3.87
C ASP D 60 -35.65 -14.16 2.44
N ARG D 61 -36.41 -13.09 2.24
CA ARG D 61 -36.67 -12.64 0.87
C ARG D 61 -35.43 -12.03 0.21
N PHE D 62 -34.39 -11.74 0.99
CA PHE D 62 -33.14 -11.19 0.48
C PHE D 62 -32.17 -12.34 0.22
N THR D 63 -31.78 -12.52 -1.03
CA THR D 63 -30.73 -13.49 -1.36
C THR D 63 -29.74 -12.85 -2.32
N GLY D 64 -28.60 -13.51 -2.45
CA GLY D 64 -27.55 -13.05 -3.34
C GLY D 64 -26.94 -14.23 -4.04
N SER D 65 -26.48 -14.00 -5.26
CA SER D 65 -25.82 -15.04 -6.01
C SER D 65 -24.70 -14.43 -6.83
N GLY D 66 -23.90 -15.31 -7.43
CA GLY D 66 -22.84 -14.86 -8.29
C GLY D 66 -21.49 -15.36 -7.83
N SER D 67 -20.59 -15.50 -8.80
CA SER D 67 -19.21 -15.88 -8.58
C SER D 67 -18.41 -15.34 -9.75
N GLY D 68 -17.13 -15.06 -9.49
CA GLY D 68 -16.28 -14.52 -10.55
C GLY D 68 -16.41 -13.02 -10.71
N THR D 69 -17.30 -12.59 -11.60
CA THR D 69 -17.33 -11.22 -12.11
C THR D 69 -18.71 -10.57 -11.96
N ASP D 70 -19.77 -11.38 -11.97
CA ASP D 70 -21.15 -10.89 -12.06
C ASP D 70 -21.92 -11.34 -10.82
N PHE D 71 -22.45 -10.39 -10.08
CA PHE D 71 -23.16 -10.70 -8.86
C PHE D 71 -24.53 -10.09 -8.91
N THR D 72 -25.47 -10.76 -8.24
CA THR D 72 -26.86 -10.37 -8.27
C THR D 72 -27.44 -10.46 -6.87
N PHE D 73 -28.15 -9.41 -6.49
CA PHE D 73 -28.87 -9.31 -5.23
C PHE D 73 -30.36 -9.31 -5.57
N THR D 74 -31.10 -10.25 -4.99
CA THR D 74 -32.51 -10.41 -5.32
C THR D 74 -33.38 -10.22 -4.09
N ILE D 75 -34.51 -9.54 -4.28
CA ILE D 75 -35.61 -9.54 -3.33
C ILE D 75 -36.75 -10.32 -3.98
N SER D 76 -37.13 -11.45 -3.38
CA SER D 76 -38.06 -12.36 -4.04
C SER D 76 -39.47 -11.78 -4.09
N SER D 77 -39.90 -11.10 -3.02
CA SER D 77 -41.23 -10.48 -2.98
C SER D 77 -41.07 -9.17 -2.23
N VAL D 78 -41.08 -8.07 -2.97
CA VAL D 78 -40.75 -6.76 -2.42
C VAL D 78 -41.83 -6.31 -1.44
N GLN D 79 -41.42 -5.79 -0.29
CA GLN D 79 -42.33 -5.23 0.68
C GLN D 79 -42.14 -3.72 0.76
N ALA D 80 -43.14 -3.04 1.34
CA ALA D 80 -43.08 -1.59 1.46
C ALA D 80 -41.83 -1.14 2.20
N GLU D 81 -41.37 -1.92 3.19
CA GLU D 81 -40.21 -1.56 3.99
C GLU D 81 -38.91 -1.55 3.20
N ASP D 82 -38.89 -2.11 1.98
CA ASP D 82 -37.65 -2.37 1.27
C ASP D 82 -37.16 -1.19 0.41
N MET D 83 -37.93 -0.11 0.30
CA MET D 83 -37.43 1.07 -0.42
C MET D 83 -36.19 1.64 0.26
N ALA D 84 -35.11 1.77 -0.50
CA ALA D 84 -33.79 2.12 0.01
C ALA D 84 -32.77 2.15 -1.12
N VAL D 85 -31.54 2.54 -0.82
CA VAL D 85 -30.44 2.45 -1.77
C VAL D 85 -29.59 1.26 -1.37
N TYR D 86 -29.25 0.44 -2.36
CA TYR D 86 -28.49 -0.77 -2.18
C TYR D 86 -27.13 -0.61 -2.85
N TYR D 87 -26.08 -0.92 -2.10
CA TYR D 87 -24.70 -0.84 -2.55
C TYR D 87 -24.03 -2.20 -2.49
N CYS D 88 -23.10 -2.43 -3.41
CA CYS D 88 -22.21 -3.58 -3.32
C CYS D 88 -20.79 -3.09 -3.04
N GLN D 89 -19.95 -3.98 -2.52
CA GLN D 89 -18.58 -3.64 -2.16
C GLN D 89 -17.77 -4.93 -2.29
N GLN D 90 -16.63 -4.88 -2.99
CA GLN D 90 -15.74 -6.01 -3.03
C GLN D 90 -14.92 -6.09 -1.75
N HIS D 91 -14.71 -7.30 -1.26
CA HIS D 91 -13.87 -7.52 -0.08
C HIS D 91 -12.96 -8.72 -0.32
N TYR D 92 -12.29 -8.71 -1.48
CA TYR D 92 -11.55 -9.88 -1.93
C TYR D 92 -10.16 -9.96 -1.28
N SER D 93 -9.23 -9.07 -1.67
CA SER D 93 -7.85 -9.22 -1.21
C SER D 93 -7.18 -7.94 -0.72
N THR D 94 -7.22 -6.84 -1.47
CA THR D 94 -6.35 -5.74 -1.10
C THR D 94 -7.08 -4.41 -0.95
N PRO D 95 -6.51 -3.49 -0.15
CA PRO D 95 -7.23 -2.38 0.48
C PRO D 95 -8.21 -1.60 -0.38
N PRO D 96 -7.92 -1.21 -1.62
CA PRO D 96 -8.89 -0.31 -2.28
C PRO D 96 -10.13 -1.20 -2.08
N TRP D 97 -11.15 -0.72 -1.33
CA TRP D 97 -12.26 -1.60 -0.89
C TRP D 97 -13.46 -0.81 -1.43
N THR D 98 -13.51 -0.70 -2.75
CA THR D 98 -14.43 0.23 -3.40
C THR D 98 -15.88 -0.24 -3.31
N PHE D 99 -16.78 0.74 -3.21
CA PHE D 99 -18.22 0.51 -3.24
C PHE D 99 -18.74 0.68 -4.65
N GLY D 100 -19.82 -0.02 -4.97
CA GLY D 100 -20.59 0.30 -6.15
C GLY D 100 -21.21 1.68 -6.03
N GLY D 101 -21.75 2.14 -7.15
CA GLY D 101 -22.42 3.43 -7.18
C GLY D 101 -23.80 3.45 -6.55
N GLY D 102 -24.38 2.30 -6.26
CA GLY D 102 -25.66 2.24 -5.56
C GLY D 102 -26.85 2.26 -6.50
N THR D 103 -27.95 1.66 -6.04
CA THR D 103 -29.18 1.52 -6.82
C THR D 103 -30.35 1.84 -5.90
N LYS D 104 -31.15 2.83 -6.29
CA LYS D 104 -32.28 3.30 -5.47
C LYS D 104 -33.56 2.62 -5.96
N LEU D 105 -34.25 1.93 -5.04
CA LEU D 105 -35.54 1.32 -5.33
C LEU D 105 -36.67 2.28 -4.97
N GLU D 106 -37.54 2.54 -5.95
CA GLU D 106 -38.75 3.33 -5.78
C GLU D 106 -39.96 2.44 -6.08
N ILE D 107 -41.08 2.74 -5.44
CA ILE D 107 -42.32 2.00 -5.70
C ILE D 107 -42.99 2.59 -6.93
N LYS D 108 -43.41 1.71 -7.84
CA LYS D 108 -44.22 2.10 -8.99
C LYS D 108 -45.66 2.33 -8.58
N ARG D 109 -46.30 3.35 -9.17
CA ARG D 109 -47.73 3.61 -9.01
C ARG D 109 -48.25 4.29 -10.27
N THR D 110 -49.55 4.53 -10.32
CA THR D 110 -50.14 5.14 -11.48
C THR D 110 -49.75 6.61 -11.58
N VAL D 111 -49.84 7.16 -12.81
CA VAL D 111 -49.51 8.56 -13.01
C VAL D 111 -50.46 9.44 -12.22
N ALA D 112 -49.94 10.52 -11.64
CA ALA D 112 -50.73 11.45 -10.84
C ALA D 112 -50.29 12.86 -11.17
N ALA D 113 -51.23 13.69 -11.65
CA ALA D 113 -50.92 15.07 -11.93
C ALA D 113 -50.70 15.85 -10.63
N PRO D 114 -49.83 16.86 -10.64
CA PRO D 114 -49.66 17.68 -9.43
C PRO D 114 -50.80 18.64 -9.22
N SER D 115 -51.07 18.93 -7.95
CA SER D 115 -51.85 20.09 -7.56
C SER D 115 -50.89 21.26 -7.36
N VAL D 116 -51.21 22.40 -7.98
CA VAL D 116 -50.28 23.53 -8.03
C VAL D 116 -50.85 24.68 -7.21
N PHE D 117 -49.99 25.30 -6.39
CA PHE D 117 -50.35 26.44 -5.58
C PHE D 117 -49.26 27.49 -5.67
N ILE D 118 -49.65 28.77 -5.61
CA ILE D 118 -48.70 29.87 -5.61
C ILE D 118 -48.92 30.73 -4.38
N PHE D 119 -47.83 31.26 -3.83
CA PHE D 119 -47.89 32.07 -2.61
C PHE D 119 -47.09 33.35 -2.83
N PRO D 120 -47.74 34.52 -2.83
CA PRO D 120 -46.98 35.78 -2.88
C PRO D 120 -46.07 35.91 -1.67
N PRO D 121 -45.13 36.86 -1.70
CA PRO D 121 -44.37 37.16 -0.49
C PRO D 121 -45.25 37.84 0.54
N SER D 122 -44.84 37.70 1.80
CA SER D 122 -45.53 38.36 2.90
C SER D 122 -44.95 39.75 3.11
N ASP D 123 -45.84 40.73 3.31
CA ASP D 123 -45.41 42.12 3.55
C ASP D 123 -44.35 42.22 4.64
N GLU D 124 -44.31 41.25 5.55
CA GLU D 124 -43.26 41.21 6.56
C GLU D 124 -41.89 40.97 5.94
N GLN D 125 -41.82 40.08 4.94
CA GLN D 125 -40.55 39.83 4.30
C GLN D 125 -40.10 41.00 3.44
N LEU D 126 -41.03 41.63 2.72
CA LEU D 126 -40.62 42.66 1.76
C LEU D 126 -40.02 43.87 2.45
N LYS D 127 -40.49 44.23 3.66
CA LYS D 127 -39.88 45.38 4.31
C LYS D 127 -38.45 45.07 4.75
N SER D 128 -38.07 43.79 4.82
CA SER D 128 -36.69 43.37 5.00
C SER D 128 -35.83 43.50 3.74
N GLY D 129 -36.41 43.79 2.58
CA GLY D 129 -35.65 44.00 1.37
C GLY D 129 -35.59 42.84 0.40
N THR D 130 -36.23 41.72 0.71
CA THR D 130 -36.26 40.56 -0.18
C THR D 130 -37.69 40.05 -0.32
N ALA D 131 -37.98 39.48 -1.49
CA ALA D 131 -39.27 38.91 -1.82
C ALA D 131 -39.04 37.49 -2.29
N SER D 132 -39.69 36.54 -1.64
CA SER D 132 -39.64 35.13 -2.03
C SER D 132 -41.03 34.73 -2.51
N VAL D 133 -41.14 34.32 -3.77
CA VAL D 133 -42.37 33.79 -4.32
C VAL D 133 -42.23 32.27 -4.37
N VAL D 134 -43.28 31.55 -3.96
CA VAL D 134 -43.20 30.10 -3.78
C VAL D 134 -44.28 29.43 -4.61
N CYS D 135 -43.87 28.44 -5.39
CA CYS D 135 -44.79 27.58 -6.13
C CYS D 135 -44.67 26.15 -5.61
N LEU D 136 -45.81 25.54 -5.35
CA LEU D 136 -45.87 24.23 -4.71
C LEU D 136 -46.57 23.26 -5.66
N LEU D 137 -45.93 22.12 -5.92
CA LEU D 137 -46.52 21.04 -6.72
C LEU D 137 -46.73 19.87 -5.78
N ASN D 138 -47.98 19.53 -5.53
CA ASN D 138 -48.31 18.60 -4.47
C ASN D 138 -48.72 17.24 -5.03
N ASN D 139 -48.11 16.18 -4.49
CA ASN D 139 -48.55 14.79 -4.65
C ASN D 139 -48.68 14.39 -6.11
N PHE D 140 -47.56 14.34 -6.80
CA PHE D 140 -47.56 13.94 -8.20
C PHE D 140 -46.69 12.70 -8.40
N TYR D 141 -46.86 12.07 -9.56
CA TYR D 141 -46.03 10.93 -9.95
C TYR D 141 -46.10 10.78 -11.46
N PRO D 142 -44.99 10.53 -12.16
CA PRO D 142 -43.65 10.26 -11.62
C PRO D 142 -42.90 11.53 -11.21
N ARG D 143 -41.66 11.37 -10.72
CA ARG D 143 -40.96 12.48 -10.10
C ARG D 143 -40.65 13.61 -11.07
N GLU D 144 -40.55 13.32 -12.37
CA GLU D 144 -40.10 14.32 -13.32
C GLU D 144 -41.15 15.43 -13.45
N ALA D 145 -40.74 16.67 -13.19
CA ALA D 145 -41.65 17.80 -13.29
C ALA D 145 -40.86 19.02 -13.70
N LYS D 146 -41.55 19.97 -14.29
CA LYS D 146 -40.94 21.19 -14.77
C LYS D 146 -41.69 22.41 -14.37
N VAL D 147 -40.99 23.32 -13.74
CA VAL D 147 -41.55 24.58 -13.28
C VAL D 147 -40.75 25.70 -13.93
N GLN D 148 -41.45 26.66 -14.51
CA GLN D 148 -40.78 27.87 -14.99
C GLN D 148 -41.56 29.08 -14.53
N TRP D 149 -40.82 30.11 -14.14
CA TRP D 149 -41.39 31.35 -13.62
C TRP D 149 -41.46 32.39 -14.71
N LYS D 150 -42.50 33.21 -14.67
CA LYS D 150 -42.65 34.32 -15.61
C LYS D 150 -43.10 35.55 -14.85
N VAL D 151 -42.54 36.70 -15.24
CA VAL D 151 -42.87 37.98 -14.63
C VAL D 151 -43.22 38.91 -15.78
N ASP D 152 -44.52 39.08 -16.03
CA ASP D 152 -45.02 39.74 -17.23
C ASP D 152 -44.51 39.04 -18.49
N ASN D 153 -44.54 37.71 -18.46
CA ASN D 153 -44.27 36.78 -19.56
C ASN D 153 -42.78 36.64 -19.90
N ALA D 154 -41.89 37.34 -19.22
CA ALA D 154 -40.45 37.14 -19.42
C ALA D 154 -40.04 35.86 -18.70
N LEU D 155 -39.62 34.86 -19.47
CA LEU D 155 -39.12 33.60 -18.93
C LEU D 155 -37.96 33.89 -17.99
N GLN D 156 -38.19 33.68 -16.70
CA GLN D 156 -37.19 33.94 -15.68
C GLN D 156 -36.13 32.84 -15.70
N SER D 157 -34.93 33.21 -15.28
CA SER D 157 -33.84 32.25 -15.21
C SER D 157 -32.83 32.69 -14.16
N GLY D 158 -32.25 31.72 -13.46
CA GLY D 158 -31.13 31.96 -12.56
C GLY D 158 -31.47 32.54 -11.20
N ASN D 159 -32.75 32.72 -10.87
CA ASN D 159 -33.11 33.29 -9.57
C ASN D 159 -34.12 32.41 -8.85
N SER D 160 -34.12 31.11 -9.14
CA SER D 160 -35.03 30.17 -8.49
C SER D 160 -34.26 28.93 -8.08
N GLN D 161 -34.74 28.30 -7.02
CA GLN D 161 -34.24 27.04 -6.50
C GLN D 161 -35.42 26.16 -6.15
N GLU D 162 -35.27 24.87 -6.36
CA GLU D 162 -36.35 23.94 -6.08
C GLU D 162 -35.82 22.82 -5.20
N SER D 163 -36.74 22.16 -4.49
CA SER D 163 -36.37 20.97 -3.74
C SER D 163 -37.56 20.02 -3.73
N VAL D 164 -37.26 18.73 -3.52
CA VAL D 164 -38.25 17.69 -3.68
C VAL D 164 -38.26 16.78 -2.47
N THR D 165 -39.45 16.33 -2.09
CA THR D 165 -39.57 15.35 -1.03
C THR D 165 -39.16 13.99 -1.54
N GLU D 166 -38.90 13.08 -0.61
CA GLU D 166 -38.78 11.68 -0.97
C GLU D 166 -40.17 11.09 -1.19
N GLN D 167 -40.20 9.87 -1.71
CA GLN D 167 -41.47 9.26 -2.05
C GLN D 167 -42.31 9.05 -0.81
N ASP D 168 -43.57 9.50 -0.85
CA ASP D 168 -44.46 9.39 0.30
C ASP D 168 -44.76 7.93 0.62
N SER D 169 -44.66 7.58 1.90
CA SER D 169 -44.81 6.18 2.32
C SER D 169 -46.22 5.64 2.11
N LYS D 170 -47.24 6.50 2.05
CA LYS D 170 -48.62 6.04 2.00
C LYS D 170 -49.29 6.14 0.63
N ASP D 171 -48.92 7.11 -0.21
CA ASP D 171 -49.46 7.17 -1.57
C ASP D 171 -48.40 7.14 -2.67
N SER D 172 -47.11 7.04 -2.31
CA SER D 172 -46.02 6.86 -3.27
C SER D 172 -45.88 8.01 -4.26
N THR D 173 -46.29 9.23 -3.87
CA THR D 173 -46.15 10.41 -4.70
C THR D 173 -45.03 11.31 -4.17
N TYR D 174 -44.66 12.28 -5.00
CA TYR D 174 -43.65 13.27 -4.68
C TYR D 174 -44.30 14.65 -4.54
N SER D 175 -43.65 15.52 -3.79
CA SER D 175 -44.01 16.94 -3.79
C SER D 175 -42.76 17.75 -4.05
N LEU D 176 -42.98 18.96 -4.54
CA LEU D 176 -41.91 19.81 -5.03
C LEU D 176 -42.27 21.25 -4.72
N SER D 177 -41.29 22.02 -4.27
CA SER D 177 -41.46 23.45 -4.09
C SER D 177 -40.41 24.18 -4.92
N SER D 178 -40.81 25.28 -5.53
CA SER D 178 -39.91 26.14 -6.27
C SER D 178 -40.03 27.53 -5.67
N THR D 179 -38.89 28.16 -5.39
CA THR D 179 -38.84 29.48 -4.77
C THR D 179 -38.13 30.46 -5.69
N LEU D 180 -38.84 31.50 -6.09
CA LEU D 180 -38.25 32.59 -6.87
C LEU D 180 -37.90 33.74 -5.94
N THR D 181 -36.65 34.22 -6.01
CA THR D 181 -36.17 35.24 -5.09
C THR D 181 -35.83 36.52 -5.85
N LEU D 182 -36.41 37.64 -5.41
CA LEU D 182 -36.19 38.94 -6.02
C LEU D 182 -35.88 39.97 -4.95
N SER D 183 -35.21 41.05 -5.36
CA SER D 183 -35.09 42.23 -4.50
C SER D 183 -36.47 42.88 -4.36
N LYS D 184 -36.68 43.57 -3.23
CA LYS D 184 -37.94 44.29 -3.09
C LYS D 184 -38.13 45.27 -4.24
N ALA D 185 -37.05 45.94 -4.67
CA ALA D 185 -37.09 46.83 -5.82
C ALA D 185 -37.49 46.08 -7.08
N ASP D 186 -36.60 45.21 -7.56
CA ASP D 186 -36.78 44.41 -8.77
C ASP D 186 -38.24 43.96 -8.83
N TYR D 187 -38.78 43.56 -7.68
CA TYR D 187 -40.13 43.01 -7.58
C TYR D 187 -41.30 43.95 -7.84
N GLU D 188 -41.14 45.26 -7.56
CA GLU D 188 -42.21 46.25 -7.73
C GLU D 188 -42.29 46.85 -9.14
N LYS D 189 -41.31 46.60 -10.02
CA LYS D 189 -41.47 47.01 -11.40
C LYS D 189 -42.59 46.24 -12.10
N HIS D 190 -43.16 45.21 -11.46
CA HIS D 190 -44.06 44.28 -12.13
C HIS D 190 -45.32 44.05 -11.31
N LYS D 191 -46.30 43.49 -11.99
CA LYS D 191 -47.62 43.20 -11.44
C LYS D 191 -47.99 41.72 -11.45
N VAL D 192 -47.52 40.94 -12.43
CA VAL D 192 -48.08 39.64 -12.77
C VAL D 192 -47.03 38.57 -12.47
N TYR D 193 -47.31 37.72 -11.48
CA TYR D 193 -46.38 36.68 -11.06
C TYR D 193 -47.01 35.32 -11.30
N ALA D 194 -46.39 34.52 -12.17
CA ALA D 194 -46.99 33.28 -12.66
C ALA D 194 -46.00 32.13 -12.57
N CYS D 195 -46.52 30.98 -12.16
CA CYS D 195 -45.79 29.72 -12.09
C CYS D 195 -46.46 28.76 -13.06
N GLU D 196 -45.67 28.18 -13.97
CA GLU D 196 -46.21 27.30 -15.00
C GLU D 196 -45.56 25.93 -14.91
N VAL D 197 -46.40 24.88 -14.82
CA VAL D 197 -45.97 23.53 -14.50
C VAL D 197 -46.25 22.63 -15.69
N THR D 198 -45.28 21.81 -16.07
CA THR D 198 -45.53 20.73 -17.02
C THR D 198 -45.25 19.40 -16.33
N HIS D 199 -46.09 18.43 -16.65
CA HIS D 199 -45.96 17.11 -16.05
C HIS D 199 -46.68 16.11 -16.94
N GLN D 200 -46.24 14.86 -16.87
CA GLN D 200 -46.81 13.80 -17.70
C GLN D 200 -48.31 13.64 -17.48
N GLY D 201 -48.80 13.95 -16.29
CA GLY D 201 -50.19 13.79 -15.92
C GLY D 201 -51.08 14.95 -16.27
N LEU D 202 -50.57 15.98 -16.94
CA LEU D 202 -51.35 17.14 -17.32
C LEU D 202 -51.48 17.20 -18.84
N ARG D 203 -52.70 17.45 -19.32
CA ARG D 203 -52.97 17.63 -20.74
C ARG D 203 -52.01 18.64 -21.35
N SER D 204 -52.10 19.89 -20.91
CA SER D 204 -51.23 20.99 -21.28
C SER D 204 -50.71 21.62 -20.00
N PRO D 205 -49.62 22.38 -20.09
CA PRO D 205 -49.08 23.02 -18.87
C PRO D 205 -50.14 23.82 -18.12
N VAL D 206 -50.07 23.76 -16.79
CA VAL D 206 -50.97 24.47 -15.90
C VAL D 206 -50.25 25.69 -15.34
N THR D 207 -50.99 26.79 -15.18
CA THR D 207 -50.45 28.07 -14.74
C THR D 207 -51.25 28.58 -13.56
N LYS D 208 -50.55 29.03 -12.51
CA LYS D 208 -51.15 29.71 -11.38
C LYS D 208 -50.51 31.08 -11.24
N SER D 209 -51.34 32.17 -10.60
CA SER D 209 -51.00 33.58 -10.72
C SER D 209 -51.66 34.42 -9.63
N PHE D 210 -50.89 35.42 -9.43
CA PHE D 210 -51.48 36.42 -8.57
C PHE D 210 -50.98 37.79 -9.05
N ASN D 211 -51.72 38.84 -8.67
CA ASN D 211 -51.32 40.21 -8.95
C ASN D 211 -50.83 40.87 -7.66
N ARG D 212 -49.69 41.51 -7.73
CA ARG D 212 -49.18 42.17 -6.58
C ARG D 212 -50.08 43.33 -6.19
#